data_3DSL
#
_entry.id   3DSL
#
_cell.length_a   73.757
_cell.length_b   100.271
_cell.length_c   133.237
_cell.angle_alpha   90.00
_cell.angle_beta   90.00
_cell.angle_gamma   90.00
#
_symmetry.space_group_name_H-M   'P 21 21 21'
#
loop_
_entity.id
_entity.type
_entity.pdbx_description
1 polymer 'Zinc metalloproteinase-disintegrin bothropasin'
2 non-polymer 2-acetamido-2-deoxy-beta-D-glucopyranose
3 non-polymer 'CALCIUM ION'
4 non-polymer 'ZINC ION'
5 non-polymer FUROYL-LEUCINE
6 non-polymer TRYPTOPHAN
7 water water
#
_entity_poly.entity_id   1
_entity_poly.type   'polypeptide(L)'
_entity_poly.pdbx_seq_one_letter_code
;QKYNPFRYVELFIVVDQGMVTKNNGDLDKIKARMYELANIVNEILRYLYMHAALVGLEIWSNGDKITVKPDVDYTLNSFA
EWRKTDLLTRKKHDNAQLLTAIDFNGPTIGYAYIGSMCHPKRSVAIVEDYSPINLVVAVIMAHEMGHNLGIHHDTDFCSC
GDYPCIMGPTISNEPSKFFSNCSYIQCWDFIMKENPQCILNEPLGTDIVSPPVCGNELLEVGEECDCGTPENCQNECCDA
ATCKLKSGSQCGHGDCCEQCKFSKSGTECRASMSECDPAEHCTGQSSECPADVFHKNGQPCLDNYGYCYNGNCPIMYHQC
YALFGADVYEAEDSCFKDNQKGNYYGYCRKENGKKIPCAPEDVKCGRLYCKDNSPGQNNPCKMFYSNDDEHKGMVLPGTK
CADGKVCSNGHCVDVATAY
;
_entity_poly.pdbx_strand_id   A,B
#
# COMPACT_ATOMS: atom_id res chain seq x y z
N GLN A 1 -16.97 19.47 11.81
CA GLN A 1 -15.64 19.60 11.22
C GLN A 1 -15.57 19.11 9.79
N LYS A 2 -16.31 19.79 8.90
CA LYS A 2 -16.35 19.44 7.48
C LYS A 2 -15.00 19.05 6.87
N TYR A 3 -15.04 18.21 5.84
CA TYR A 3 -13.80 17.78 5.16
C TYR A 3 -13.37 18.74 4.06
N ASN A 4 -12.19 19.32 4.20
CA ASN A 4 -11.73 20.21 3.16
C ASN A 4 -11.02 19.42 2.08
N PRO A 5 -11.50 19.53 0.84
CA PRO A 5 -10.98 18.88 -0.37
C PRO A 5 -9.62 19.43 -0.77
N PHE A 6 -9.37 20.68 -0.41
CA PHE A 6 -8.11 21.34 -0.69
C PHE A 6 -7.07 21.06 0.37
N ARG A 7 -5.81 21.18 -0.04
CA ARG A 7 -4.70 21.27 0.89
C ARG A 7 -4.17 22.69 0.80
N TYR A 8 -3.17 23.02 1.60
CA TYR A 8 -2.64 24.38 1.60
C TYR A 8 -1.16 24.38 1.87
N VAL A 9 -0.37 24.92 0.95
CA VAL A 9 1.05 24.99 1.20
C VAL A 9 1.38 26.37 1.73
N GLU A 10 1.72 26.40 3.03
CA GLU A 10 2.14 27.63 3.69
C GLU A 10 3.58 27.84 3.32
N LEU A 11 3.79 28.56 2.22
CA LEU A 11 5.09 28.70 1.59
C LEU A 11 6.00 29.64 2.37
N PHE A 12 7.29 29.45 2.24
CA PHE A 12 8.24 30.40 2.77
C PHE A 12 9.29 30.67 1.70
N ILE A 13 9.35 31.90 1.21
CA ILE A 13 10.27 32.22 0.14
C ILE A 13 11.51 32.82 0.74
N VAL A 14 12.68 32.37 0.28
CA VAL A 14 13.93 33.00 0.64
C VAL A 14 14.56 33.56 -0.61
N VAL A 15 15.22 34.71 -0.48
CA VAL A 15 15.78 35.43 -1.62
C VAL A 15 17.27 35.66 -1.36
N ASP A 16 18.11 35.27 -2.32
CA ASP A 16 19.55 35.28 -2.09
C ASP A 16 20.21 36.64 -2.33
N GLN A 17 21.37 36.82 -1.69
CA GLN A 17 22.18 38.02 -1.86
C GLN A 17 22.36 38.34 -3.33
N GLY A 18 22.83 37.36 -4.10
CA GLY A 18 22.96 37.54 -5.53
C GLY A 18 21.76 38.31 -6.06
N MET A 19 20.59 37.71 -5.92
CA MET A 19 19.31 38.29 -6.37
C MET A 19 19.08 39.75 -5.96
N VAL A 20 19.51 40.10 -4.76
CA VAL A 20 19.32 41.45 -4.23
C VAL A 20 20.08 42.51 -5.02
N THR A 21 21.37 42.27 -5.23
CA THR A 21 22.21 43.23 -5.93
C THR A 21 21.72 43.41 -7.35
N LYS A 22 21.13 42.37 -7.90
CA LYS A 22 20.47 42.45 -9.18
C LYS A 22 19.44 43.58 -9.09
N ASN A 23 18.75 43.64 -7.96
CA ASN A 23 17.67 44.60 -7.78
C ASN A 23 18.09 45.88 -7.05
N ASN A 24 19.39 46.16 -7.05
CA ASN A 24 19.89 47.43 -6.53
C ASN A 24 19.44 47.70 -5.11
N GLY A 25 19.25 46.64 -4.33
CA GLY A 25 18.92 46.77 -2.92
C GLY A 25 17.46 47.03 -2.59
N ASP A 26 16.68 47.38 -3.60
CA ASP A 26 15.26 47.69 -3.43
C ASP A 26 14.53 46.54 -2.73
N LEU A 27 14.57 46.55 -1.39
CA LEU A 27 13.90 45.54 -0.59
C LEU A 27 12.39 45.58 -0.77
N ASP A 28 11.79 46.76 -0.66
CA ASP A 28 10.36 46.92 -0.93
C ASP A 28 9.90 46.38 -2.28
N LYS A 29 10.76 46.44 -3.30
CA LYS A 29 10.35 46.03 -4.64
C LYS A 29 10.35 44.52 -4.75
N ILE A 30 11.43 43.93 -4.23
CA ILE A 30 11.52 42.48 -4.08
C ILE A 30 10.28 41.92 -3.37
N LYS A 31 10.06 42.33 -2.13
CA LYS A 31 8.87 41.95 -1.39
C LYS A 31 7.68 42.04 -2.33
N ALA A 32 7.54 43.17 -3.00
CA ALA A 32 6.38 43.36 -3.87
C ALA A 32 6.25 42.22 -4.88
N ARG A 33 7.34 41.82 -5.52
CA ARG A 33 7.29 40.75 -6.51
C ARG A 33 7.04 39.39 -5.86
N MET A 34 7.75 39.11 -4.77
CA MET A 34 7.53 37.85 -4.06
C MET A 34 6.07 37.74 -3.64
N TYR A 35 5.42 38.87 -3.42
CA TYR A 35 4.00 38.83 -3.11
C TYR A 35 3.21 38.43 -4.35
N GLU A 36 3.71 38.81 -5.53
CA GLU A 36 2.95 38.57 -6.76
C GLU A 36 3.17 37.16 -7.28
N LEU A 37 4.42 36.71 -7.25
CA LEU A 37 4.73 35.32 -7.58
C LEU A 37 3.79 34.40 -6.81
N ALA A 38 3.71 34.62 -5.50
CA ALA A 38 2.86 33.81 -4.62
C ALA A 38 1.45 33.67 -5.16
N ASN A 39 0.84 34.77 -5.56
CA ASN A 39 -0.51 34.75 -6.06
C ASN A 39 -0.66 34.06 -7.41
N ILE A 40 0.40 34.07 -8.20
CA ILE A 40 0.34 33.32 -9.45
C ILE A 40 0.53 31.83 -9.18
N VAL A 41 1.37 31.52 -8.19
CA VAL A 41 1.60 30.13 -7.80
C VAL A 41 0.33 29.49 -7.21
N ASN A 42 -0.46 30.29 -6.49
CA ASN A 42 -1.75 29.83 -5.95
C ASN A 42 -2.80 29.74 -7.03
N GLU A 43 -2.71 30.64 -7.99
CA GLU A 43 -3.58 30.59 -9.15
C GLU A 43 -3.33 29.27 -9.83
N ILE A 44 -2.07 29.02 -10.16
CA ILE A 44 -1.70 27.82 -10.87
C ILE A 44 -2.14 26.52 -10.18
N LEU A 45 -1.98 26.44 -8.86
CA LEU A 45 -2.21 25.16 -8.18
C LEU A 45 -3.67 24.85 -7.96
N ARG A 46 -4.55 25.79 -8.30
CA ARG A 46 -5.98 25.59 -8.03
C ARG A 46 -6.53 24.39 -8.78
N TYR A 47 -6.06 24.17 -10.01
CA TYR A 47 -6.43 23.00 -10.76
C TYR A 47 -6.16 21.74 -9.94
N LEU A 48 -5.03 21.71 -9.25
CA LEU A 48 -4.66 20.56 -8.44
C LEU A 48 -5.43 20.46 -7.11
N TYR A 49 -6.44 21.30 -6.92
CA TYR A 49 -7.12 21.37 -5.62
C TYR A 49 -6.18 21.74 -4.46
N MET A 50 -5.24 22.63 -4.73
CA MET A 50 -4.24 23.01 -3.76
C MET A 50 -4.17 24.53 -3.74
N HIS A 51 -3.76 25.10 -2.60
CA HIS A 51 -3.51 26.54 -2.55
C HIS A 51 -2.06 26.82 -2.20
N ALA A 52 -1.62 28.04 -2.47
CA ALA A 52 -0.29 28.48 -2.05
C ALA A 52 -0.37 29.79 -1.26
N ALA A 53 0.09 29.75 -0.01
CA ALA A 53 -0.03 30.89 0.88
C ALA A 53 1.31 31.29 1.50
N LEU A 54 1.74 32.53 1.25
CA LEU A 54 3.08 32.98 1.61
C LEU A 54 3.13 33.37 3.07
N VAL A 55 3.71 32.53 3.92
CA VAL A 55 3.70 32.79 5.36
C VAL A 55 5.03 33.32 5.86
N GLY A 56 5.93 33.59 4.93
CA GLY A 56 7.22 34.14 5.32
C GLY A 56 8.09 34.52 4.14
N LEU A 57 8.70 35.70 4.24
CA LEU A 57 9.69 36.18 3.28
C LEU A 57 10.96 36.65 3.99
N GLU A 58 12.09 36.08 3.61
CA GLU A 58 13.35 36.39 4.26
C GLU A 58 14.42 36.71 3.24
N ILE A 59 14.73 37.99 3.07
CA ILE A 59 15.69 38.42 2.07
C ILE A 59 17.08 38.52 2.69
N TRP A 60 18.04 37.83 2.09
CA TRP A 60 19.41 37.89 2.57
C TRP A 60 20.15 39.13 2.03
N SER A 61 19.64 40.31 2.38
CA SER A 61 20.19 41.58 1.91
C SER A 61 21.48 41.85 2.65
N ASN A 62 21.66 41.09 3.72
CA ASN A 62 22.89 41.14 4.47
C ASN A 62 23.90 40.29 3.73
N GLY A 63 23.73 38.98 3.79
CA GLY A 63 24.57 38.05 3.05
C GLY A 63 24.05 36.62 3.08
N ASP A 64 24.30 35.86 2.01
CA ASP A 64 23.85 34.47 1.91
C ASP A 64 24.20 33.70 3.18
N LYS A 65 23.21 33.09 3.83
CA LYS A 65 23.43 32.39 5.10
C LYS A 65 23.89 30.96 4.85
N ILE A 66 23.93 30.59 3.57
CA ILE A 66 24.61 29.39 3.14
C ILE A 66 25.39 29.79 1.91
N THR A 67 26.39 28.99 1.55
CA THR A 67 27.11 29.20 0.31
C THR A 67 26.24 28.74 -0.83
N VAL A 68 25.85 29.65 -1.71
CA VAL A 68 25.07 29.24 -2.87
C VAL A 68 26.02 28.89 -4.01
N LYS A 69 26.17 27.58 -4.23
CA LYS A 69 27.12 27.06 -5.20
C LYS A 69 26.47 26.80 -6.55
N PRO A 70 27.24 27.03 -7.62
CA PRO A 70 26.87 26.72 -9.01
C PRO A 70 26.39 25.28 -9.18
N ASP A 71 27.03 24.33 -8.51
CA ASP A 71 26.56 22.97 -8.63
C ASP A 71 25.31 22.88 -7.76
N VAL A 72 24.22 22.42 -8.36
CA VAL A 72 22.91 22.65 -7.78
C VAL A 72 22.53 21.59 -6.79
N ASP A 73 23.30 20.51 -6.75
CA ASP A 73 23.02 19.44 -5.82
C ASP A 73 23.60 19.76 -4.45
N TYR A 74 24.81 20.31 -4.44
CA TYR A 74 25.36 20.77 -3.18
C TYR A 74 24.40 21.80 -2.60
N THR A 75 24.16 22.86 -3.38
CA THR A 75 23.38 23.99 -2.89
C THR A 75 22.02 23.56 -2.33
N LEU A 76 21.43 22.52 -2.89
CA LEU A 76 20.10 22.10 -2.44
C LEU A 76 20.12 21.39 -1.09
N ASN A 77 21.06 20.46 -0.91
CA ASN A 77 21.28 19.83 0.40
C ASN A 77 21.68 20.86 1.46
N SER A 78 22.31 21.93 1.01
CA SER A 78 22.71 23.02 1.87
C SER A 78 21.49 23.86 2.33
N PHE A 79 20.62 24.18 1.38
CA PHE A 79 19.45 24.99 1.70
C PHE A 79 18.45 24.18 2.50
N ALA A 80 18.42 22.88 2.25
CA ALA A 80 17.55 21.96 2.97
C ALA A 80 18.00 21.82 4.41
N GLU A 81 19.31 21.90 4.64
CA GLU A 81 19.85 21.81 5.99
C GLU A 81 19.64 23.08 6.81
N TRP A 82 19.74 24.23 6.15
CA TRP A 82 19.52 25.50 6.82
C TRP A 82 18.03 25.69 7.09
N ARG A 83 17.22 25.25 6.13
CA ARG A 83 15.78 25.29 6.30
C ARG A 83 15.38 24.59 7.60
N LYS A 84 16.06 23.50 7.92
CA LYS A 84 15.68 22.64 9.03
C LYS A 84 16.25 23.10 10.37
N THR A 85 17.53 23.43 10.38
CA THR A 85 18.22 23.78 11.61
C THR A 85 18.00 25.21 12.04
N ASP A 86 17.83 26.12 11.08
CA ASP A 86 17.65 27.52 11.41
C ASP A 86 16.25 28.06 11.16
N LEU A 87 15.75 27.91 9.93
CA LEU A 87 14.47 28.49 9.59
C LEU A 87 13.32 27.81 10.34
N LEU A 88 13.21 26.49 10.23
CA LEU A 88 12.09 25.78 10.86
C LEU A 88 11.94 26.08 12.35
N THR A 89 13.08 26.15 13.04
CA THR A 89 13.10 26.40 14.48
C THR A 89 12.67 27.80 14.85
N ARG A 90 12.61 28.69 13.85
CA ARG A 90 12.16 30.06 14.07
C ARG A 90 10.75 30.30 13.53
N LYS A 91 10.38 29.55 12.50
CA LYS A 91 9.08 29.79 11.86
C LYS A 91 8.39 28.54 11.34
N LYS A 92 7.13 28.37 11.73
CA LYS A 92 6.32 27.27 11.24
C LYS A 92 5.96 27.53 9.78
N HIS A 93 6.05 26.48 8.96
CA HIS A 93 5.69 26.58 7.54
C HIS A 93 5.83 25.22 6.88
N ASP A 94 5.24 25.04 5.71
CA ASP A 94 5.18 23.70 5.14
C ASP A 94 6.29 23.42 4.12
N ASN A 95 6.73 24.49 3.46
CA ASN A 95 7.46 24.37 2.23
C ASN A 95 8.22 25.65 2.01
N ALA A 96 9.49 25.53 1.62
CA ALA A 96 10.33 26.72 1.43
C ALA A 96 11.10 26.67 0.12
N GLN A 97 11.03 27.77 -0.64
CA GLN A 97 11.78 27.86 -1.87
C GLN A 97 12.83 28.93 -1.71
N LEU A 98 13.87 28.85 -2.53
CA LEU A 98 15.01 29.75 -2.48
C LEU A 98 15.13 30.33 -3.85
N LEU A 99 14.84 31.61 -4.00
CA LEU A 99 15.02 32.27 -5.30
C LEU A 99 16.44 32.75 -5.42
N THR A 100 17.05 32.55 -6.58
CA THR A 100 18.44 32.94 -6.71
C THR A 100 18.92 33.42 -8.08
N ALA A 101 19.92 34.31 -8.06
CA ALA A 101 20.51 34.86 -9.26
C ALA A 101 21.68 34.01 -9.74
N ILE A 102 22.17 33.16 -8.83
CA ILE A 102 23.35 32.35 -9.06
C ILE A 102 23.14 31.40 -10.20
N ASP A 103 24.05 31.41 -11.16
CA ASP A 103 23.94 30.55 -12.34
C ASP A 103 24.28 29.12 -11.98
N PHE A 104 23.35 28.21 -12.23
CA PHE A 104 23.56 26.82 -11.85
C PHE A 104 24.11 25.95 -12.99
N ASN A 105 24.74 24.84 -12.61
CA ASN A 105 25.33 23.96 -13.57
C ASN A 105 24.31 22.98 -14.16
N GLY A 106 24.12 23.04 -15.47
CA GLY A 106 23.18 22.19 -16.16
C GLY A 106 23.06 22.52 -17.63
N PRO A 107 22.60 23.75 -17.93
CA PRO A 107 22.20 24.70 -16.89
C PRO A 107 20.91 24.21 -16.28
N THR A 108 20.81 24.23 -14.95
CA THR A 108 19.56 23.97 -14.27
C THR A 108 18.96 25.24 -13.67
N ILE A 109 17.67 25.46 -13.92
CA ILE A 109 16.96 26.65 -13.44
C ILE A 109 15.95 26.33 -12.34
N GLY A 110 16.02 25.12 -11.80
CA GLY A 110 15.14 24.66 -10.74
C GLY A 110 15.54 23.25 -10.33
N TYR A 111 15.43 22.94 -9.04
CA TYR A 111 15.89 21.67 -8.48
C TYR A 111 15.21 21.43 -7.14
N ALA A 112 14.68 20.22 -6.93
CA ALA A 112 13.76 19.96 -5.83
C ALA A 112 13.51 18.50 -5.51
N TYR A 113 13.57 18.18 -4.22
CA TYR A 113 13.30 16.85 -3.73
C TYR A 113 11.94 16.31 -4.21
N ILE A 114 11.92 15.05 -4.61
CA ILE A 114 10.68 14.40 -5.04
C ILE A 114 9.90 13.95 -3.81
N GLY A 115 8.57 13.99 -3.91
CA GLY A 115 7.69 13.61 -2.84
C GLY A 115 8.14 13.99 -1.43
N SER A 116 8.48 15.25 -1.22
CA SER A 116 9.03 15.64 0.06
C SER A 116 8.09 16.49 0.90
N MET A 117 6.98 16.90 0.32
CA MET A 117 6.16 17.90 0.99
C MET A 117 6.02 17.53 2.44
N CYS A 118 6.25 18.51 3.30
CA CYS A 118 6.15 18.35 4.76
C CYS A 118 7.38 17.77 5.47
N HIS A 119 8.30 17.16 4.73
CA HIS A 119 9.52 16.66 5.38
C HIS A 119 10.34 17.77 6.04
N PRO A 120 10.72 17.57 7.31
CA PRO A 120 11.37 18.64 8.06
C PRO A 120 12.57 19.22 7.30
N LYS A 121 13.21 18.41 6.46
CA LYS A 121 14.39 18.89 5.74
C LYS A 121 14.12 19.09 4.27
N ARG A 122 13.44 18.11 3.66
CA ARG A 122 13.38 17.98 2.21
C ARG A 122 12.23 18.73 1.54
N SER A 123 11.30 19.24 2.33
CA SER A 123 10.23 20.04 1.78
C SER A 123 10.81 21.38 1.32
N VAL A 124 11.64 21.33 0.28
CA VAL A 124 12.31 22.53 -0.22
C VAL A 124 12.62 22.45 -1.72
N ALA A 125 13.03 23.59 -2.27
CA ALA A 125 13.26 23.74 -3.70
C ALA A 125 14.03 25.02 -3.99
N ILE A 126 14.99 24.93 -4.90
CA ILE A 126 15.81 26.04 -5.36
C ILE A 126 15.21 26.52 -6.67
N VAL A 127 15.17 27.84 -6.88
CA VAL A 127 14.52 28.41 -8.06
C VAL A 127 15.34 29.54 -8.66
N GLU A 128 15.65 29.41 -9.94
CA GLU A 128 16.45 30.41 -10.61
C GLU A 128 15.60 31.60 -11.01
N ASP A 129 16.17 32.78 -10.80
CA ASP A 129 15.56 34.01 -11.25
C ASP A 129 15.74 34.07 -12.76
N TYR A 130 15.17 33.09 -13.43
CA TYR A 130 15.45 32.82 -14.83
C TYR A 130 14.87 33.86 -15.79
N SER A 131 14.19 34.87 -15.26
CA SER A 131 13.56 35.86 -16.12
C SER A 131 12.84 36.95 -15.34
N PRO A 132 12.70 38.14 -15.95
CA PRO A 132 12.00 39.23 -15.27
C PRO A 132 10.50 38.97 -15.23
N ILE A 133 10.04 38.18 -16.19
CA ILE A 133 8.64 37.82 -16.29
C ILE A 133 8.19 37.00 -15.11
N ASN A 134 7.20 37.48 -14.38
CA ASN A 134 6.75 36.79 -13.19
C ASN A 134 5.98 35.53 -13.50
N LEU A 135 5.24 35.56 -14.61
CA LEU A 135 4.57 34.37 -15.10
C LEU A 135 5.60 33.25 -15.29
N VAL A 136 6.78 33.60 -15.77
CA VAL A 136 7.82 32.60 -15.97
C VAL A 136 8.34 32.11 -14.62
N VAL A 137 8.84 33.01 -13.80
CA VAL A 137 9.40 32.57 -12.52
C VAL A 137 8.36 31.82 -11.69
N ALA A 138 7.14 32.30 -11.70
CA ALA A 138 6.07 31.61 -10.95
C ALA A 138 5.80 30.21 -11.52
N VAL A 139 5.98 30.04 -12.82
CA VAL A 139 5.73 28.73 -13.38
C VAL A 139 6.79 27.80 -12.86
N ILE A 140 8.04 28.25 -12.86
CA ILE A 140 9.14 27.46 -12.27
C ILE A 140 8.85 27.12 -10.82
N MET A 141 8.47 28.12 -10.03
CA MET A 141 8.12 27.89 -8.63
C MET A 141 7.08 26.80 -8.50
N ALA A 142 6.00 26.91 -9.24
CA ALA A 142 4.91 25.94 -9.16
C ALA A 142 5.39 24.57 -9.61
N HIS A 143 6.33 24.57 -10.56
CA HIS A 143 6.90 23.35 -11.08
C HIS A 143 7.69 22.59 -10.03
N GLU A 144 8.66 23.25 -9.42
CA GLU A 144 9.45 22.61 -8.37
C GLU A 144 8.57 22.13 -7.20
N MET A 145 7.58 22.93 -6.85
CA MET A 145 6.68 22.58 -5.76
C MET A 145 5.94 21.30 -6.12
N GLY A 146 5.67 21.16 -7.41
CA GLY A 146 5.01 19.97 -7.95
C GLY A 146 5.89 18.76 -7.76
N HIS A 147 7.17 18.90 -8.08
CA HIS A 147 8.11 17.84 -7.79
C HIS A 147 8.04 17.45 -6.33
N ASN A 148 8.01 18.44 -5.43
CA ASN A 148 7.87 18.15 -4.01
C ASN A 148 6.57 17.42 -3.75
N LEU A 149 5.54 17.75 -4.52
CA LEU A 149 4.27 17.06 -4.37
C LEU A 149 4.33 15.68 -5.00
N GLY A 150 5.49 15.33 -5.52
CA GLY A 150 5.71 13.99 -6.01
C GLY A 150 5.17 13.81 -7.40
N ILE A 151 5.20 14.89 -8.17
CA ILE A 151 4.78 14.85 -9.56
C ILE A 151 6.01 14.77 -10.43
N HIS A 152 6.00 13.90 -11.42
CA HIS A 152 7.11 13.79 -12.36
C HIS A 152 6.71 14.45 -13.67
N HIS A 153 7.66 14.60 -14.58
CA HIS A 153 7.39 15.24 -15.88
C HIS A 153 6.33 14.53 -16.68
N ASP A 154 5.67 15.31 -17.51
CA ASP A 154 4.78 14.78 -18.52
C ASP A 154 5.58 13.99 -19.57
N THR A 155 4.97 12.92 -20.03
CA THR A 155 5.63 12.03 -20.94
C THR A 155 4.53 11.61 -21.84
N ASP A 156 4.86 11.03 -22.98
CA ASP A 156 3.85 10.32 -23.74
C ASP A 156 2.60 11.16 -23.88
N PHE A 157 1.45 10.59 -23.57
CA PHE A 157 0.19 11.23 -23.89
C PHE A 157 -0.42 12.07 -22.77
N CYS A 158 0.42 12.66 -21.93
CA CYS A 158 -0.04 13.67 -20.96
C CYS A 158 -0.47 14.95 -21.66
N SER A 159 -1.59 15.52 -21.23
CA SER A 159 -2.13 16.73 -21.86
C SER A 159 -2.70 17.73 -20.85
N CYS A 160 -2.59 19.01 -21.20
CA CYS A 160 -3.15 20.10 -20.42
C CYS A 160 -3.89 21.01 -21.40
N GLY A 161 -4.16 20.47 -22.57
CA GLY A 161 -4.73 21.23 -23.67
C GLY A 161 -3.66 21.41 -24.71
N ASP A 162 -3.84 22.41 -25.57
CA ASP A 162 -2.82 22.74 -26.55
C ASP A 162 -1.97 23.89 -26.04
N TYR A 163 -1.46 23.73 -24.83
CA TYR A 163 -0.55 24.69 -24.23
C TYR A 163 0.60 23.93 -23.58
N PRO A 164 1.65 24.66 -23.16
CA PRO A 164 2.78 24.10 -22.42
C PRO A 164 2.41 23.85 -20.97
N CYS A 165 2.45 22.60 -20.54
CA CYS A 165 2.04 22.25 -19.19
C CYS A 165 3.16 22.45 -18.20
N ILE A 166 2.79 22.59 -16.94
CA ILE A 166 3.74 22.94 -15.88
C ILE A 166 4.86 21.93 -15.75
N MET A 167 4.52 20.65 -15.75
CA MET A 167 5.52 19.63 -15.53
C MET A 167 6.01 19.10 -16.89
N GLY A 168 5.94 19.93 -17.91
CA GLY A 168 6.44 19.54 -19.21
C GLY A 168 7.91 19.27 -19.09
N PRO A 169 8.47 18.43 -20.00
CA PRO A 169 9.89 18.10 -19.97
C PRO A 169 10.73 19.34 -19.78
N THR A 170 10.39 20.41 -20.48
CA THR A 170 11.15 21.66 -20.37
C THR A 170 10.31 22.90 -20.68
N ILE A 171 10.66 24.01 -20.04
CA ILE A 171 9.88 25.26 -20.06
C ILE A 171 9.77 25.95 -21.43
N SER A 172 8.63 26.59 -21.67
CA SER A 172 8.40 27.30 -22.91
C SER A 172 8.74 28.78 -22.80
N ASN A 173 8.85 29.45 -23.94
CA ASN A 173 9.04 30.89 -23.97
C ASN A 173 7.76 31.56 -23.53
N GLU A 174 6.66 31.08 -24.10
CA GLU A 174 5.34 31.56 -23.73
C GLU A 174 4.59 30.46 -22.98
N PRO A 175 4.81 30.40 -21.66
CA PRO A 175 4.39 29.37 -20.70
C PRO A 175 2.91 29.50 -20.37
N SER A 176 2.28 28.42 -19.98
CA SER A 176 0.87 28.45 -19.65
C SER A 176 0.75 28.37 -18.15
N LYS A 177 -0.47 28.17 -17.67
CA LYS A 177 -0.75 28.21 -16.25
C LYS A 177 -1.32 26.86 -15.81
N PHE A 178 -1.17 25.88 -16.71
CA PHE A 178 -1.92 24.62 -16.63
C PHE A 178 -1.09 23.38 -16.25
N PHE A 179 -1.36 22.81 -15.07
CA PHE A 179 -0.87 21.47 -14.76
C PHE A 179 -1.57 20.53 -15.75
N SER A 180 -1.10 19.29 -15.86
CA SER A 180 -1.65 18.35 -16.83
C SER A 180 -2.44 17.23 -16.19
N ASN A 181 -3.25 16.51 -16.96
CA ASN A 181 -3.92 15.34 -16.42
C ASN A 181 -2.94 14.46 -15.61
N CYS A 182 -1.77 14.18 -16.16
CA CYS A 182 -0.80 13.31 -15.51
C CYS A 182 -0.39 13.89 -14.16
N SER A 183 -0.31 15.22 -14.09
CA SER A 183 0.09 15.88 -12.86
C SER A 183 -0.96 15.74 -11.78
N TYR A 184 -2.23 15.92 -12.14
CA TYR A 184 -3.29 15.89 -11.14
C TYR A 184 -3.31 14.53 -10.48
N ILE A 185 -3.19 13.46 -11.27
CA ILE A 185 -3.21 12.12 -10.71
C ILE A 185 -2.03 11.92 -9.78
N GLN A 186 -0.83 12.18 -10.30
CA GLN A 186 0.37 11.88 -9.54
C GLN A 186 0.39 12.65 -8.25
N CYS A 187 -0.25 13.81 -8.23
CA CYS A 187 -0.17 14.66 -7.07
C CYS A 187 -1.09 14.11 -6.00
N TRP A 188 -2.28 13.72 -6.42
CA TRP A 188 -3.24 13.16 -5.48
C TRP A 188 -2.93 11.72 -5.10
N ASP A 189 -2.13 11.05 -5.91
CA ASP A 189 -1.61 9.79 -5.47
C ASP A 189 -0.67 10.05 -4.27
N PHE A 190 0.21 11.04 -4.42
CA PHE A 190 1.14 11.38 -3.35
C PHE A 190 0.44 11.78 -2.05
N ILE A 191 -0.59 12.59 -2.15
CA ILE A 191 -1.38 12.93 -0.97
C ILE A 191 -2.01 11.67 -0.42
N MET A 192 -2.91 11.04 -1.18
CA MET A 192 -3.57 9.81 -0.71
C MET A 192 -2.61 8.78 -0.10
N LYS A 193 -1.45 8.59 -0.71
CA LYS A 193 -0.56 7.46 -0.40
C LYS A 193 0.71 7.80 0.41
N GLU A 194 0.94 9.08 0.71
CA GLU A 194 2.04 9.46 1.57
C GLU A 194 1.51 10.36 2.69
N ASN A 195 0.30 10.87 2.48
CA ASN A 195 -0.35 11.84 3.37
C ASN A 195 0.57 12.79 4.12
N PRO A 196 0.76 13.99 3.57
CA PRO A 196 1.55 15.02 4.25
C PRO A 196 0.64 15.84 5.17
N GLN A 197 0.36 15.34 6.37
CA GLN A 197 -0.68 15.93 7.22
C GLN A 197 -0.49 17.42 7.41
N CYS A 198 0.72 17.89 7.16
CA CYS A 198 1.06 19.28 7.45
C CYS A 198 0.37 20.29 6.54
N ILE A 199 -0.07 19.89 5.35
CA ILE A 199 -0.78 20.82 4.44
C ILE A 199 -2.31 20.79 4.59
N LEU A 200 -2.77 20.42 5.77
CA LEU A 200 -4.19 20.14 5.99
C LEU A 200 -4.97 21.37 6.44
N ASN A 201 -4.31 22.25 7.19
CA ASN A 201 -4.98 23.42 7.73
C ASN A 201 -5.04 24.60 6.77
N GLU A 202 -6.17 25.31 6.79
CA GLU A 202 -6.33 26.60 6.15
C GLU A 202 -5.53 27.64 6.95
N PRO A 203 -4.58 28.32 6.32
CA PRO A 203 -3.84 29.39 7.00
C PRO A 203 -4.73 30.59 7.43
N LEU A 204 -4.49 31.10 8.63
CA LEU A 204 -5.26 32.22 9.17
C LEU A 204 -4.75 33.50 8.53
N GLY A 205 -5.64 34.45 8.32
CA GLY A 205 -5.28 35.71 7.68
C GLY A 205 -4.08 36.42 8.30
N THR A 206 -4.00 36.41 9.62
CA THR A 206 -2.89 37.03 10.32
C THR A 206 -1.59 36.33 9.93
N ASP A 207 -1.69 35.03 9.70
CA ASP A 207 -0.58 34.17 9.30
C ASP A 207 0.03 34.51 7.95
N ILE A 208 -0.72 35.16 7.08
CA ILE A 208 -0.27 35.43 5.72
C ILE A 208 0.32 36.84 5.55
N VAL A 209 1.46 36.92 4.87
CA VAL A 209 2.23 38.17 4.79
C VAL A 209 2.06 39.00 3.51
N SER A 210 1.40 38.46 2.50
CA SER A 210 1.18 39.23 1.27
C SER A 210 -0.02 40.17 1.43
N PRO A 211 -0.02 41.31 0.72
CA PRO A 211 -1.19 42.18 0.85
C PRO A 211 -2.45 41.34 0.69
N PRO A 212 -3.42 41.45 1.61
CA PRO A 212 -4.57 40.57 1.44
C PRO A 212 -5.06 40.77 0.02
N VAL A 213 -5.64 39.74 -0.61
CA VAL A 213 -6.14 39.85 -1.99
C VAL A 213 -7.49 39.16 -2.12
N CYS A 214 -8.50 39.89 -2.55
CA CYS A 214 -9.85 39.34 -2.64
C CYS A 214 -10.03 38.50 -3.88
N GLY A 215 -10.49 37.27 -3.71
CA GLY A 215 -10.75 36.39 -4.83
C GLY A 215 -9.68 35.33 -5.00
N ASN A 216 -8.67 35.33 -4.13
CA ASN A 216 -7.66 34.30 -4.20
C ASN A 216 -8.09 33.04 -3.44
N GLU A 217 -9.28 33.08 -2.87
CA GLU A 217 -9.78 31.95 -2.10
C GLU A 217 -8.90 31.70 -0.86
N LEU A 218 -8.47 32.80 -0.25
CA LEU A 218 -7.77 32.74 1.01
C LEU A 218 -8.36 33.79 1.94
N LEU A 219 -8.95 33.37 3.06
CA LEU A 219 -9.53 34.35 3.96
C LEU A 219 -8.38 35.22 4.47
N GLU A 220 -8.51 36.53 4.35
CA GLU A 220 -7.44 37.37 4.85
C GLU A 220 -7.92 38.63 5.53
N VAL A 221 -6.97 39.44 5.97
CA VAL A 221 -7.23 40.67 6.72
C VAL A 221 -8.05 41.68 5.94
N GLY A 222 -9.15 42.11 6.55
CA GLY A 222 -10.04 43.07 5.93
C GLY A 222 -11.15 42.37 5.16
N GLU A 223 -10.92 41.11 4.85
CA GLU A 223 -11.94 40.33 4.16
C GLU A 223 -12.88 39.69 5.17
N GLU A 224 -14.16 39.71 4.86
CA GLU A 224 -15.13 39.09 5.73
C GLU A 224 -15.29 37.65 5.27
N CYS A 225 -15.07 37.46 3.98
CA CYS A 225 -15.08 36.14 3.37
C CYS A 225 -14.35 36.22 2.03
N ASP A 226 -13.86 35.09 1.54
CA ASP A 226 -13.33 35.01 0.19
C ASP A 226 -13.68 33.64 -0.42
N CYS A 227 -14.11 33.67 -1.68
CA CYS A 227 -14.57 32.48 -2.37
C CYS A 227 -14.34 32.70 -3.85
N GLY A 228 -13.10 33.05 -4.18
CA GLY A 228 -12.67 33.16 -5.56
C GLY A 228 -13.40 34.21 -6.34
N THR A 229 -13.55 33.96 -7.64
CA THR A 229 -14.23 34.86 -8.54
C THR A 229 -15.75 34.70 -8.45
N PRO A 230 -16.50 35.71 -8.89
CA PRO A 230 -17.96 35.63 -8.86
C PRO A 230 -18.40 34.36 -9.57
N GLU A 231 -17.67 34.03 -10.63
CA GLU A 231 -18.02 32.90 -11.50
C GLU A 231 -17.76 31.54 -10.85
N ASN A 232 -16.86 31.49 -9.87
CA ASN A 232 -16.54 30.25 -9.15
C ASN A 232 -17.13 30.09 -7.74
N CYS A 233 -17.79 31.13 -7.22
CA CYS A 233 -18.13 31.15 -5.81
C CYS A 233 -19.35 30.32 -5.46
N GLN A 234 -19.15 29.30 -4.63
CA GLN A 234 -20.26 28.46 -4.14
C GLN A 234 -20.73 28.91 -2.74
N ASN A 235 -20.18 30.00 -2.24
CA ASN A 235 -20.51 30.46 -0.90
C ASN A 235 -21.62 31.48 -0.95
N GLU A 236 -22.82 31.03 -0.63
CA GLU A 236 -23.96 31.92 -0.62
C GLU A 236 -23.98 32.72 0.66
N CYS A 237 -22.82 32.89 1.27
CA CYS A 237 -22.76 33.75 2.45
C CYS A 237 -21.94 34.96 2.09
N CYS A 238 -21.32 34.90 0.90
CA CYS A 238 -20.27 35.82 0.53
C CYS A 238 -20.50 36.51 -0.82
N ASP A 239 -20.33 37.81 -0.87
CA ASP A 239 -20.30 38.49 -2.15
C ASP A 239 -18.91 38.30 -2.76
N ALA A 240 -18.76 37.28 -3.57
CA ALA A 240 -17.46 36.97 -4.16
C ALA A 240 -16.60 38.19 -4.54
N ALA A 241 -17.21 39.24 -5.07
CA ALA A 241 -16.44 40.34 -5.66
C ALA A 241 -16.00 41.44 -4.69
N THR A 242 -16.72 41.58 -3.57
CA THR A 242 -16.39 42.58 -2.56
C THR A 242 -15.86 41.98 -1.27
N CYS A 243 -15.84 40.65 -1.22
CA CYS A 243 -15.34 39.93 -0.06
C CYS A 243 -15.95 40.35 1.27
N LYS A 244 -17.17 40.87 1.21
CA LYS A 244 -17.92 41.16 2.43
C LYS A 244 -19.10 40.19 2.49
N LEU A 245 -19.49 39.82 3.70
CA LEU A 245 -20.62 38.93 3.93
C LEU A 245 -21.91 39.53 3.38
N LYS A 246 -22.87 38.67 3.07
CA LYS A 246 -24.18 39.12 2.60
C LYS A 246 -25.13 39.39 3.77
N SER A 247 -26.18 40.17 3.48
CA SER A 247 -27.18 40.63 4.45
C SER A 247 -27.21 40.04 5.88
N GLY A 248 -27.90 38.91 6.05
CA GLY A 248 -28.20 38.38 7.36
C GLY A 248 -27.16 37.47 7.98
N SER A 249 -26.27 36.97 7.15
CA SER A 249 -25.24 36.05 7.60
C SER A 249 -24.36 36.70 8.65
N GLN A 250 -24.09 36.00 9.75
CA GLN A 250 -23.08 36.47 10.68
C GLN A 250 -21.74 35.85 10.31
N CYS A 251 -21.73 34.96 9.33
CA CYS A 251 -20.49 34.32 8.91
C CYS A 251 -20.58 33.62 7.56
N GLY A 252 -19.41 33.38 6.96
CA GLY A 252 -19.29 32.73 5.66
C GLY A 252 -17.97 32.02 5.58
N HIS A 253 -17.50 31.55 6.74
CA HIS A 253 -16.29 30.76 6.82
C HIS A 253 -16.26 29.95 8.12
N GLY A 254 -15.39 28.95 8.19
CA GLY A 254 -15.13 28.24 9.44
C GLY A 254 -15.98 27.02 9.72
N ASP A 255 -15.53 26.16 10.62
CA ASP A 255 -16.27 24.94 10.95
C ASP A 255 -17.47 25.22 11.84
N CYS A 256 -17.41 26.34 12.54
CA CYS A 256 -18.48 26.73 13.43
C CYS A 256 -19.42 27.70 12.73
N CYS A 257 -19.51 27.58 11.40
CA CYS A 257 -20.45 28.40 10.65
C CYS A 257 -21.39 27.50 9.87
N GLU A 258 -22.63 27.42 10.32
CA GLU A 258 -23.66 26.64 9.62
C GLU A 258 -24.28 27.45 8.49
N GLN A 259 -25.54 27.16 8.18
CA GLN A 259 -26.26 27.82 7.10
C GLN A 259 -25.54 29.11 6.69
N CYS A 260 -25.58 30.09 7.58
CA CYS A 260 -24.79 31.31 7.44
C CYS A 260 -24.57 31.89 8.82
N LYS A 261 -25.14 31.22 9.83
CA LYS A 261 -25.07 31.68 11.21
C LYS A 261 -23.99 30.96 12.00
N PHE A 262 -23.85 31.35 13.27
CA PHE A 262 -22.87 30.76 14.17
C PHE A 262 -23.35 29.40 14.67
N SER A 263 -22.40 28.51 14.95
CA SER A 263 -22.72 27.16 15.41
C SER A 263 -23.13 27.14 16.87
N LYS A 264 -24.18 26.37 17.18
CA LYS A 264 -24.62 26.22 18.56
C LYS A 264 -23.42 25.92 19.45
N SER A 265 -23.40 26.54 20.63
CA SER A 265 -22.35 26.26 21.59
C SER A 265 -22.47 24.83 22.14
N GLY A 266 -21.32 24.15 22.29
CA GLY A 266 -21.31 22.73 22.61
C GLY A 266 -21.14 21.92 21.34
N THR A 267 -21.32 22.57 20.20
CA THR A 267 -21.20 21.93 18.90
C THR A 267 -19.76 21.54 18.61
N GLU A 268 -19.45 20.28 18.82
CA GLU A 268 -18.14 19.74 18.46
C GLU A 268 -17.74 20.18 17.06
N CYS A 269 -16.51 20.64 16.94
CA CYS A 269 -16.01 21.20 15.69
C CYS A 269 -14.60 20.69 15.42
N ARG A 270 -14.04 19.98 16.38
CA ARG A 270 -12.80 19.26 16.12
C ARG A 270 -12.68 17.98 16.92
N ALA A 271 -13.10 16.87 16.29
CA ALA A 271 -13.06 15.53 16.86
C ALA A 271 -11.78 15.22 17.64
N SER A 272 -11.93 14.52 18.75
CA SER A 272 -10.78 14.15 19.54
C SER A 272 -10.00 13.02 18.89
N MET A 273 -8.67 13.09 18.95
CA MET A 273 -7.83 11.98 18.49
C MET A 273 -7.84 10.88 19.55
N SER A 274 -7.05 11.08 20.59
CA SER A 274 -6.95 10.13 21.69
C SER A 274 -7.25 10.86 22.98
N GLU A 275 -6.80 10.29 24.09
CA GLU A 275 -7.03 10.87 25.41
C GLU A 275 -6.06 12.00 25.72
N CYS A 276 -5.12 12.24 24.82
CA CYS A 276 -4.29 13.43 24.91
C CYS A 276 -4.82 14.45 23.92
N ASP A 277 -6.10 14.33 23.58
CA ASP A 277 -6.73 15.27 22.65
C ASP A 277 -8.06 15.76 23.18
N PRO A 278 -8.03 16.74 24.08
CA PRO A 278 -9.32 17.31 24.49
C PRO A 278 -10.04 17.85 23.26
N ALA A 279 -11.29 17.47 23.06
CA ALA A 279 -12.07 17.96 21.92
C ALA A 279 -12.21 19.49 21.96
N GLU A 280 -12.53 20.09 20.82
CA GLU A 280 -12.92 21.49 20.78
C GLU A 280 -14.38 21.62 20.35
N HIS A 281 -15.04 22.68 20.81
CA HIS A 281 -16.45 22.92 20.52
C HIS A 281 -16.69 24.39 20.23
N CYS A 282 -17.72 24.68 19.44
CA CYS A 282 -17.99 26.04 19.01
C CYS A 282 -18.34 26.97 20.18
N THR A 283 -17.95 28.23 20.09
CA THR A 283 -18.23 29.18 21.16
C THR A 283 -19.70 29.59 21.19
N GLY A 284 -20.32 29.64 20.01
CA GLY A 284 -21.70 30.11 19.90
C GLY A 284 -21.65 31.58 19.55
N GLN A 285 -20.47 32.17 19.70
CA GLN A 285 -20.28 33.61 19.49
C GLN A 285 -19.20 33.91 18.45
N SER A 286 -18.55 32.89 17.92
CA SER A 286 -17.56 33.07 16.85
C SER A 286 -17.84 32.18 15.64
N SER A 287 -16.94 32.26 14.65
CA SER A 287 -17.17 31.60 13.38
C SER A 287 -16.16 30.48 13.11
N GLU A 288 -15.20 30.32 14.02
CA GLU A 288 -14.08 29.40 13.80
C GLU A 288 -13.92 28.37 14.92
N CYS A 289 -13.57 27.15 14.56
CA CYS A 289 -13.29 26.15 15.58
C CYS A 289 -12.07 26.58 16.37
N PRO A 290 -12.28 26.97 17.64
CA PRO A 290 -11.29 27.38 18.63
C PRO A 290 -9.97 26.62 18.52
N ALA A 291 -8.87 27.23 18.92
CA ALA A 291 -7.55 26.60 18.75
C ALA A 291 -7.54 25.17 19.28
N ASP A 292 -6.53 24.41 18.87
CA ASP A 292 -6.45 23.03 19.29
C ASP A 292 -5.62 22.89 20.54
N VAL A 293 -6.15 22.17 21.51
CA VAL A 293 -5.44 21.95 22.76
C VAL A 293 -5.22 20.46 23.02
N PHE A 294 -3.97 20.11 23.32
CA PHE A 294 -3.62 18.75 23.76
C PHE A 294 -3.51 18.72 25.28
N HIS A 295 -3.09 17.58 25.82
CA HIS A 295 -2.78 17.47 27.24
C HIS A 295 -1.31 17.74 27.46
N LYS A 296 -0.89 17.71 28.73
CA LYS A 296 0.50 17.90 29.10
C LYS A 296 1.33 16.76 28.53
N ASN A 297 2.17 17.07 27.55
CA ASN A 297 3.10 16.09 27.03
C ASN A 297 3.88 15.40 28.14
N GLY A 298 3.73 14.08 28.22
CA GLY A 298 4.34 13.31 29.29
C GLY A 298 3.35 12.83 30.34
N GLN A 299 2.06 13.01 30.07
CA GLN A 299 1.02 12.66 31.04
C GLN A 299 0.69 11.17 31.01
N PRO A 300 0.66 10.52 32.19
CA PRO A 300 0.24 9.12 32.18
C PRO A 300 -1.02 8.95 31.32
N CYS A 301 -0.88 8.20 30.24
CA CYS A 301 -2.01 7.92 29.36
C CYS A 301 -2.12 6.43 29.04
N LEU A 302 -3.34 5.95 28.87
CA LEU A 302 -3.61 4.54 28.58
C LEU A 302 -3.27 3.64 29.77
N ASP A 303 -3.93 3.90 30.90
CA ASP A 303 -3.67 3.19 32.14
C ASP A 303 -2.17 3.02 32.38
N ASN A 304 -1.45 4.12 32.19
CA ASN A 304 0.00 4.16 32.38
C ASN A 304 0.75 3.19 31.44
N TYR A 305 0.21 3.01 30.23
CA TYR A 305 0.91 2.24 29.21
C TYR A 305 1.80 3.17 28.40
N GLY A 306 1.58 4.46 28.55
CA GLY A 306 2.32 5.44 27.76
C GLY A 306 2.30 6.86 28.28
N TYR A 307 3.24 7.66 27.79
CA TYR A 307 3.36 9.06 28.13
C TYR A 307 3.03 9.95 26.92
N CYS A 308 2.13 10.92 27.11
CA CYS A 308 1.59 11.68 25.99
C CYS A 308 2.66 12.29 25.09
N TYR A 309 2.22 12.69 23.90
CA TYR A 309 3.08 13.25 22.88
C TYR A 309 2.16 13.82 21.83
N ASN A 310 2.21 15.15 21.64
CA ASN A 310 1.45 15.83 20.59
C ASN A 310 0.04 15.29 20.32
N GLY A 311 -0.73 15.08 21.40
CA GLY A 311 -2.14 14.74 21.29
C GLY A 311 -2.44 13.26 21.19
N ASN A 312 -1.40 12.44 20.98
CA ASN A 312 -1.59 10.99 20.86
C ASN A 312 -0.86 10.23 21.97
N CYS A 313 -1.11 8.92 22.07
CA CYS A 313 -0.55 8.11 23.12
C CYS A 313 0.15 6.88 22.56
N PRO A 314 1.40 7.06 22.12
CA PRO A 314 2.21 6.01 21.47
C PRO A 314 2.60 4.87 22.41
N ILE A 315 1.93 3.73 22.26
CA ILE A 315 2.31 2.53 23.00
C ILE A 315 2.81 1.43 22.08
N MET A 316 3.98 0.90 22.42
CA MET A 316 4.58 -0.23 21.72
C MET A 316 3.53 -1.20 21.19
N TYR A 317 2.52 -1.48 22.00
CA TYR A 317 1.45 -2.41 21.63
C TYR A 317 0.80 -2.04 20.30
N HIS A 318 0.25 -0.82 20.20
CA HIS A 318 -0.42 -0.42 18.97
C HIS A 318 0.59 -0.46 17.83
N GLN A 319 1.79 0.08 18.09
CA GLN A 319 2.86 0.07 17.09
C GLN A 319 3.06 -1.31 16.43
N CYS A 320 3.05 -2.35 17.27
CA CYS A 320 3.13 -3.71 16.78
C CYS A 320 1.94 -3.90 15.89
N TYR A 321 0.75 -3.72 16.46
CA TYR A 321 -0.50 -3.98 15.75
C TYR A 321 -0.48 -3.46 14.32
N ALA A 322 -0.09 -2.20 14.14
CA ALA A 322 -0.01 -1.59 12.82
C ALA A 322 0.95 -2.35 11.91
N LEU A 323 2.12 -2.69 12.45
CA LEU A 323 3.12 -3.39 11.65
C LEU A 323 2.66 -4.78 11.30
N PHE A 324 2.02 -5.45 12.24
CA PHE A 324 1.87 -6.90 12.18
C PHE A 324 0.47 -7.47 12.42
N GLY A 325 -0.49 -6.59 12.68
CA GLY A 325 -1.88 -7.00 12.72
C GLY A 325 -2.31 -7.58 14.05
N ALA A 326 -3.55 -8.08 14.09
CA ALA A 326 -4.16 -8.58 15.31
C ALA A 326 -3.33 -9.64 16.01
N ASP A 327 -3.43 -9.68 17.34
CA ASP A 327 -2.86 -10.74 18.16
C ASP A 327 -1.33 -10.80 18.20
N VAL A 328 -0.68 -9.66 18.07
CA VAL A 328 0.77 -9.56 18.08
C VAL A 328 1.16 -8.53 19.13
N TYR A 329 2.13 -8.85 19.98
CA TYR A 329 2.41 -7.98 21.13
C TYR A 329 3.90 -7.61 21.33
N GLU A 330 4.13 -6.76 22.34
CA GLU A 330 5.46 -6.37 22.76
C GLU A 330 6.35 -7.57 23.12
N ALA A 331 7.60 -7.51 22.67
CA ALA A 331 8.52 -8.64 22.78
C ALA A 331 9.37 -8.62 24.04
N GLU A 332 10.15 -9.68 24.20
CA GLU A 332 11.09 -9.77 25.31
C GLU A 332 12.14 -8.68 25.17
N ASP A 333 12.53 -8.09 26.29
CA ASP A 333 13.52 -7.02 26.27
C ASP A 333 14.79 -7.46 25.55
N SER A 334 15.17 -8.71 25.75
CA SER A 334 16.34 -9.31 25.13
C SER A 334 16.44 -9.01 23.64
N CYS A 335 15.29 -9.02 22.96
CA CYS A 335 15.22 -8.77 21.51
C CYS A 335 15.88 -7.46 21.09
N PHE A 336 15.85 -6.45 21.97
CA PHE A 336 16.32 -5.12 21.63
C PHE A 336 17.85 -4.95 21.57
N LYS A 337 18.59 -5.94 22.03
CA LYS A 337 20.04 -5.89 21.96
C LYS A 337 20.55 -5.88 20.53
N ASP A 338 19.76 -6.40 19.60
CA ASP A 338 20.15 -6.38 18.19
C ASP A 338 20.34 -4.96 17.65
N ASN A 339 19.89 -3.98 18.44
CA ASN A 339 20.01 -2.57 18.09
C ASN A 339 21.44 -2.00 18.18
N GLN A 340 22.34 -2.73 18.83
CA GLN A 340 23.70 -2.24 19.04
C GLN A 340 24.65 -2.66 17.91
N LYS A 341 24.20 -3.61 17.10
CA LYS A 341 24.99 -4.10 15.97
C LYS A 341 25.26 -3.01 14.93
N GLY A 342 24.34 -2.07 14.80
CA GLY A 342 24.49 -0.97 13.88
C GLY A 342 24.48 -1.42 12.42
N ASN A 343 23.56 -2.33 12.10
CA ASN A 343 23.42 -2.81 10.73
C ASN A 343 22.10 -2.38 10.07
N TYR A 344 21.94 -2.74 8.80
CA TYR A 344 20.84 -2.25 7.97
C TYR A 344 19.54 -2.06 8.73
N TYR A 345 19.29 -2.87 9.74
CA TYR A 345 18.03 -2.78 10.43
C TYR A 345 18.18 -2.31 11.88
N GLY A 346 19.28 -2.66 12.53
CA GLY A 346 19.41 -2.45 13.96
C GLY A 346 20.20 -1.22 14.36
N TYR A 347 19.51 -0.18 14.83
CA TYR A 347 20.16 1.08 15.17
C TYR A 347 19.22 2.05 15.95
N CYS A 348 19.63 3.29 16.14
CA CYS A 348 18.83 4.23 16.92
C CYS A 348 18.48 5.50 16.16
N ARG A 349 19.51 6.29 15.87
CA ARG A 349 19.28 7.48 15.07
C ARG A 349 20.28 7.58 13.93
N LYS A 350 19.77 7.49 12.71
CA LYS A 350 20.55 7.87 11.55
C LYS A 350 20.73 9.38 11.63
N GLU A 351 21.97 9.87 11.57
CA GLU A 351 22.19 11.30 11.76
C GLU A 351 22.05 12.17 10.51
N ASN A 352 22.74 11.78 9.45
CA ASN A 352 22.52 12.39 8.13
C ASN A 352 23.16 11.53 7.06
N GLY A 353 23.19 10.22 7.32
CA GLY A 353 23.78 9.25 6.42
C GLY A 353 24.04 7.94 7.14
N LYS A 354 24.99 7.93 8.04
CA LYS A 354 25.32 6.70 8.73
C LYS A 354 24.26 6.28 9.70
N LYS A 355 24.23 4.99 9.93
CA LYS A 355 23.35 4.37 10.91
C LYS A 355 24.04 4.19 12.27
N ILE A 356 23.84 5.14 13.18
CA ILE A 356 24.44 5.05 14.50
C ILE A 356 23.82 3.95 15.36
N PRO A 357 24.66 3.12 15.99
CA PRO A 357 24.14 2.02 16.83
C PRO A 357 23.34 2.54 18.04
N CYS A 358 22.89 1.62 18.88
CA CYS A 358 22.15 1.97 20.09
C CYS A 358 23.00 1.89 21.34
N ALA A 359 22.77 2.80 22.26
CA ALA A 359 23.30 2.62 23.61
C ALA A 359 22.50 1.49 24.23
N PRO A 360 23.17 0.59 24.97
CA PRO A 360 22.56 -0.60 25.58
C PRO A 360 21.29 -0.29 26.37
N GLU A 361 21.12 0.97 26.76
CA GLU A 361 19.88 1.41 27.36
C GLU A 361 18.94 1.89 26.26
N ASP A 362 19.49 2.68 25.34
CA ASP A 362 18.74 3.21 24.21
C ASP A 362 18.27 2.15 23.22
N VAL A 363 18.41 0.87 23.58
CA VAL A 363 18.05 -0.20 22.65
C VAL A 363 16.54 -0.35 22.45
N LYS A 364 15.78 0.08 23.45
CA LYS A 364 14.32 0.08 23.34
C LYS A 364 13.83 1.30 22.57
N CYS A 365 14.73 1.96 21.86
CA CYS A 365 14.35 3.17 21.11
C CYS A 365 14.81 3.15 19.67
N GLY A 366 15.20 1.99 19.18
CA GLY A 366 15.45 1.82 17.76
C GLY A 366 14.38 0.97 17.11
N ARG A 367 14.79 0.26 16.06
CA ARG A 367 13.95 -0.77 15.44
C ARG A 367 13.13 -1.47 16.53
N LEU A 368 11.84 -1.71 16.26
CA LEU A 368 10.94 -2.33 17.24
C LEU A 368 10.88 -3.85 17.11
N TYR A 369 10.64 -4.51 18.24
CA TYR A 369 10.56 -5.96 18.24
C TYR A 369 9.23 -6.44 18.82
N CYS A 370 8.60 -7.40 18.15
CA CYS A 370 7.27 -7.85 18.53
C CYS A 370 7.20 -9.37 18.55
N LYS A 371 6.40 -9.90 19.46
CA LYS A 371 6.30 -11.34 19.66
C LYS A 371 5.20 -11.92 18.78
N ASP A 372 5.54 -12.17 17.51
CA ASP A 372 4.59 -12.72 16.52
C ASP A 372 4.30 -14.20 16.72
N ASN A 373 3.03 -14.52 16.95
CA ASN A 373 2.60 -15.91 17.08
C ASN A 373 1.76 -16.41 15.90
N SER A 374 2.04 -15.88 14.72
CA SER A 374 1.37 -16.30 13.52
C SER A 374 1.72 -17.75 13.27
N PRO A 375 0.75 -18.65 13.52
CA PRO A 375 0.93 -20.09 13.42
C PRO A 375 1.82 -20.50 12.26
N GLY A 376 2.71 -21.45 12.52
CA GLY A 376 3.60 -21.95 11.50
C GLY A 376 4.68 -20.94 11.14
N GLN A 377 4.68 -19.79 11.83
CA GLN A 377 5.67 -18.74 11.59
C GLN A 377 6.07 -18.00 12.88
N ASN A 378 5.84 -18.63 14.02
CA ASN A 378 6.23 -18.08 15.32
C ASN A 378 7.67 -17.59 15.29
N ASN A 379 7.85 -16.34 15.70
CA ASN A 379 9.18 -15.69 15.79
C ASN A 379 9.26 -14.66 16.92
N PRO A 380 9.88 -15.06 18.03
CA PRO A 380 10.13 -14.28 19.24
C PRO A 380 10.37 -12.79 18.98
N CYS A 381 11.40 -12.48 18.21
CA CYS A 381 11.81 -11.10 18.01
C CYS A 381 11.52 -10.67 16.58
N LYS A 382 10.23 -10.47 16.29
CA LYS A 382 9.83 -10.04 14.94
C LYS A 382 10.07 -8.54 14.75
N MET A 383 10.69 -8.22 13.62
CA MET A 383 11.17 -6.90 13.29
C MET A 383 10.64 -6.51 11.90
N PHE A 384 10.62 -5.22 11.59
CA PHE A 384 10.18 -4.76 10.28
C PHE A 384 11.15 -3.75 9.68
N TYR A 385 11.57 -4.03 8.45
CA TYR A 385 12.48 -3.17 7.69
C TYR A 385 12.20 -3.22 6.17
N SER A 386 11.91 -2.06 5.59
CA SER A 386 11.95 -1.88 4.15
C SER A 386 12.87 -0.70 3.91
N ASN A 387 13.76 -0.78 2.92
CA ASN A 387 14.53 0.40 2.52
C ASN A 387 13.69 1.31 1.62
N ASP A 388 12.37 1.11 1.69
CA ASP A 388 11.40 1.90 0.99
C ASP A 388 11.01 3.04 1.94
N ASP A 389 11.44 2.89 3.18
CA ASP A 389 11.34 3.89 4.24
C ASP A 389 11.86 3.27 5.51
N GLU A 390 13.15 3.42 5.77
CA GLU A 390 13.75 2.75 6.90
C GLU A 390 13.12 3.18 8.22
N HIS A 391 12.22 4.16 8.18
CA HIS A 391 11.57 4.62 9.41
C HIS A 391 10.41 3.73 9.84
N LYS A 392 9.68 3.19 8.86
CA LYS A 392 8.67 2.18 9.14
C LYS A 392 9.33 1.14 10.03
N GLY A 393 8.81 0.99 11.23
CA GLY A 393 9.35 -0.01 12.14
C GLY A 393 10.51 0.48 12.99
N MET A 394 10.54 1.78 13.29
CA MET A 394 11.39 2.29 14.36
C MET A 394 10.44 2.82 15.42
N VAL A 395 10.85 2.78 16.68
CA VAL A 395 9.98 3.22 17.75
C VAL A 395 9.63 4.68 17.54
N LEU A 396 8.35 5.00 17.73
CA LEU A 396 7.86 6.35 17.53
C LEU A 396 8.38 7.28 18.59
N PRO A 397 8.86 8.46 18.19
CA PRO A 397 9.27 9.42 19.21
C PRO A 397 8.09 9.62 20.13
N GLY A 398 8.28 9.36 21.41
CA GLY A 398 7.24 9.58 22.40
C GLY A 398 6.89 8.32 23.17
N THR A 399 7.52 7.21 22.82
CA THR A 399 7.18 5.91 23.38
C THR A 399 7.94 5.63 24.68
N LYS A 400 7.21 5.19 25.69
CA LYS A 400 7.83 4.69 26.92
C LYS A 400 8.90 3.69 26.55
N CYS A 401 10.10 3.88 27.09
CA CYS A 401 11.13 2.86 26.96
C CYS A 401 11.33 2.16 28.30
N ALA A 402 10.65 2.69 29.32
CA ALA A 402 10.71 2.16 30.68
C ALA A 402 9.58 2.81 31.46
N ASP A 403 9.75 2.95 32.77
CA ASP A 403 8.85 3.80 33.53
C ASP A 403 9.50 5.18 33.66
N GLY A 404 8.72 6.23 33.46
CA GLY A 404 9.22 7.60 33.55
C GLY A 404 10.30 7.91 32.54
N LYS A 405 10.15 7.36 31.33
CA LYS A 405 11.12 7.59 30.27
C LYS A 405 10.51 7.40 28.89
N VAL A 406 10.90 8.25 27.95
CA VAL A 406 10.38 8.17 26.60
C VAL A 406 11.50 8.22 25.55
N CYS A 407 11.19 7.70 24.37
CA CYS A 407 12.10 7.77 23.24
C CYS A 407 12.07 9.15 22.57
N SER A 408 13.09 9.96 22.83
CA SER A 408 13.28 11.20 22.09
C SER A 408 14.46 11.06 21.14
N ASN A 409 14.22 11.21 19.83
CA ASN A 409 15.28 11.10 18.83
C ASN A 409 16.30 9.99 19.12
N GLY A 410 15.91 8.75 18.87
CA GLY A 410 16.80 7.62 19.06
C GLY A 410 17.09 7.27 20.52
N HIS A 411 16.98 8.24 21.41
CA HIS A 411 17.33 8.00 22.80
C HIS A 411 16.12 7.74 23.74
N CYS A 412 16.30 6.79 24.66
CA CYS A 412 15.40 6.58 25.79
C CYS A 412 15.74 7.60 26.86
N VAL A 413 15.61 8.88 26.49
CA VAL A 413 15.91 9.99 27.38
C VAL A 413 14.94 9.96 28.56
N ASP A 414 15.11 10.87 29.52
CA ASP A 414 14.27 10.85 30.71
C ASP A 414 12.96 11.59 30.44
N VAL A 415 11.94 11.28 31.22
CA VAL A 415 10.59 11.83 31.00
C VAL A 415 10.50 13.38 31.09
N ALA A 416 10.49 13.93 32.31
CA ALA A 416 10.41 15.37 32.47
C ALA A 416 11.48 16.01 31.60
N LYS B 2 -14.60 -11.33 -20.01
CA LYS B 2 -15.72 -11.28 -19.08
C LYS B 2 -15.19 -11.49 -17.67
N TYR B 3 -15.29 -10.47 -16.81
CA TYR B 3 -14.72 -10.58 -15.47
C TYR B 3 -15.55 -11.38 -14.47
N ASN B 4 -14.90 -12.39 -13.88
CA ASN B 4 -15.52 -13.29 -12.92
C ASN B 4 -15.32 -12.81 -11.50
N PRO B 5 -16.43 -12.47 -10.82
CA PRO B 5 -16.44 -12.06 -9.41
C PRO B 5 -15.74 -13.07 -8.52
N PHE B 6 -16.16 -14.33 -8.61
CA PHE B 6 -15.71 -15.35 -7.68
C PHE B 6 -14.23 -15.72 -7.78
N ARG B 7 -13.72 -16.24 -6.68
CA ARG B 7 -12.48 -16.97 -6.71
C ARG B 7 -12.81 -18.42 -6.39
N TYR B 8 -11.87 -19.33 -6.68
CA TYR B 8 -12.13 -20.76 -6.65
C TYR B 8 -11.00 -21.50 -5.96
N VAL B 9 -11.17 -21.80 -4.68
CA VAL B 9 -10.19 -22.58 -3.95
C VAL B 9 -10.18 -24.03 -4.42
N GLU B 10 -9.09 -24.48 -5.04
CA GLU B 10 -8.96 -25.90 -5.44
C GLU B 10 -8.36 -26.72 -4.30
N LEU B 11 -9.21 -27.24 -3.42
CA LEU B 11 -8.79 -27.92 -2.20
C LEU B 11 -8.35 -29.39 -2.36
N PHE B 12 -7.35 -29.78 -1.59
CA PHE B 12 -6.87 -31.16 -1.54
C PHE B 12 -6.86 -31.60 -0.10
N ILE B 13 -7.62 -32.64 0.20
CA ILE B 13 -7.66 -33.19 1.56
C ILE B 13 -6.74 -34.40 1.70
N VAL B 14 -6.03 -34.45 2.82
CA VAL B 14 -5.13 -35.54 3.15
C VAL B 14 -5.63 -36.09 4.46
N VAL B 15 -5.97 -37.37 4.51
CA VAL B 15 -6.49 -37.94 5.75
C VAL B 15 -5.42 -38.76 6.47
N ASP B 16 -5.28 -38.59 7.78
CA ASP B 16 -4.19 -39.25 8.52
C ASP B 16 -4.57 -40.66 8.99
N GLN B 17 -3.61 -41.33 9.64
CA GLN B 17 -3.83 -42.67 10.17
C GLN B 17 -4.82 -42.72 11.35
N GLY B 18 -4.58 -41.91 12.37
CA GLY B 18 -5.52 -41.78 13.46
C GLY B 18 -6.93 -41.94 12.93
N MET B 19 -7.28 -41.08 11.97
CA MET B 19 -8.57 -41.15 11.30
C MET B 19 -8.91 -42.55 10.82
N VAL B 20 -8.05 -43.08 9.96
CA VAL B 20 -8.27 -44.38 9.31
C VAL B 20 -8.60 -45.55 10.26
N THR B 21 -7.77 -45.72 11.29
CA THR B 21 -8.05 -46.75 12.27
C THR B 21 -9.41 -46.51 12.89
N LYS B 22 -9.69 -45.25 13.21
CA LYS B 22 -10.96 -44.86 13.81
C LYS B 22 -12.16 -45.31 12.96
N ASN B 23 -12.00 -45.32 11.65
CA ASN B 23 -13.03 -45.85 10.77
C ASN B 23 -12.73 -47.29 10.41
N ASN B 24 -11.89 -47.92 11.22
CA ASN B 24 -11.56 -49.32 10.99
C ASN B 24 -11.10 -49.58 9.59
N GLY B 25 -10.70 -48.53 8.88
CA GLY B 25 -10.11 -48.68 7.56
C GLY B 25 -11.10 -48.64 6.41
N ASP B 26 -12.36 -48.41 6.73
CA ASP B 26 -13.39 -48.27 5.70
C ASP B 26 -13.12 -47.01 4.81
N LEU B 27 -12.33 -47.18 3.76
CA LEU B 27 -11.98 -46.07 2.87
C LEU B 27 -13.17 -45.53 2.07
N ASP B 28 -13.89 -46.44 1.43
CA ASP B 28 -15.06 -46.07 0.65
C ASP B 28 -15.96 -45.13 1.42
N LYS B 29 -15.86 -45.20 2.74
CA LYS B 29 -16.68 -44.37 3.63
C LYS B 29 -16.08 -42.99 3.81
N ILE B 30 -14.89 -42.98 4.37
CA ILE B 30 -14.12 -41.77 4.52
C ILE B 30 -14.27 -40.90 3.26
N LYS B 31 -14.04 -41.50 2.10
CA LYS B 31 -14.19 -40.79 0.84
C LYS B 31 -15.54 -40.12 0.77
N ALA B 32 -16.58 -40.88 1.06
CA ALA B 32 -17.91 -40.34 0.98
C ALA B 32 -18.08 -39.13 1.88
N ARG B 33 -17.48 -39.15 3.06
CA ARG B 33 -17.67 -38.05 4.01
C ARG B 33 -16.87 -36.83 3.59
N MET B 34 -15.63 -37.08 3.16
CA MET B 34 -14.79 -36.03 2.60
C MET B 34 -15.53 -35.31 1.48
N TYR B 35 -16.20 -36.05 0.61
CA TYR B 35 -17.01 -35.38 -0.41
C TYR B 35 -18.08 -34.46 0.21
N GLU B 36 -18.74 -34.91 1.29
CA GLU B 36 -19.77 -34.13 1.96
C GLU B 36 -19.19 -32.88 2.57
N LEU B 37 -18.19 -33.07 3.42
CA LEU B 37 -17.47 -31.96 4.01
C LEU B 37 -17.17 -30.92 2.93
N ALA B 38 -16.47 -31.30 1.89
CA ALA B 38 -16.14 -30.36 0.83
C ALA B 38 -17.36 -29.61 0.30
N ASN B 39 -18.49 -30.30 0.19
CA ASN B 39 -19.70 -29.61 -0.24
C ASN B 39 -20.22 -28.59 0.77
N ILE B 40 -20.26 -28.99 2.03
CA ILE B 40 -20.66 -28.09 3.09
C ILE B 40 -19.76 -26.85 3.10
N VAL B 41 -18.47 -27.08 2.87
CA VAL B 41 -17.47 -26.02 2.96
C VAL B 41 -17.57 -25.02 1.80
N ASN B 42 -18.30 -25.41 0.76
CA ASN B 42 -18.51 -24.60 -0.43
C ASN B 42 -19.72 -23.70 -0.23
N GLU B 43 -20.74 -24.28 0.42
CA GLU B 43 -21.92 -23.56 0.85
C GLU B 43 -21.50 -22.34 1.66
N ILE B 44 -21.01 -22.61 2.86
CA ILE B 44 -20.42 -21.63 3.75
C ILE B 44 -19.74 -20.49 2.98
N LEU B 45 -18.74 -20.87 2.17
CA LEU B 45 -17.88 -19.93 1.46
C LEU B 45 -18.58 -18.98 0.47
N ARG B 46 -19.76 -19.37 0.03
CA ARG B 46 -20.46 -18.62 -1.01
C ARG B 46 -20.55 -17.16 -0.61
N TYR B 47 -20.84 -16.93 0.66
CA TYR B 47 -20.97 -15.58 1.15
C TYR B 47 -19.74 -14.72 0.81
N LEU B 48 -18.55 -15.30 0.93
CA LEU B 48 -17.36 -14.54 0.57
C LEU B 48 -17.20 -14.48 -0.94
N TYR B 49 -18.25 -14.86 -1.67
CA TYR B 49 -18.12 -15.05 -3.10
C TYR B 49 -16.90 -15.91 -3.39
N MET B 50 -16.81 -17.03 -2.68
CA MET B 50 -15.69 -17.95 -2.83
C MET B 50 -16.22 -19.35 -3.02
N HIS B 51 -15.44 -20.21 -3.65
CA HIS B 51 -15.83 -21.62 -3.76
C HIS B 51 -14.72 -22.56 -3.42
N ALA B 52 -15.12 -23.68 -2.85
CA ALA B 52 -14.17 -24.73 -2.52
C ALA B 52 -14.54 -25.93 -3.36
N ALA B 53 -13.57 -26.40 -4.15
CA ALA B 53 -13.75 -27.54 -5.06
C ALA B 53 -12.72 -28.61 -4.73
N LEU B 54 -13.17 -29.83 -4.45
CA LEU B 54 -12.28 -30.90 -4.03
C LEU B 54 -11.64 -31.58 -5.23
N VAL B 55 -10.38 -31.26 -5.46
CA VAL B 55 -9.71 -31.71 -6.67
C VAL B 55 -8.68 -32.78 -6.33
N GLY B 56 -8.76 -33.30 -5.10
CA GLY B 56 -7.78 -34.27 -4.63
C GLY B 56 -8.15 -34.80 -3.26
N LEU B 57 -7.75 -36.04 -3.01
CA LEU B 57 -8.03 -36.73 -1.74
C LEU B 57 -7.05 -37.87 -1.58
N GLU B 58 -6.33 -37.89 -0.46
CA GLU B 58 -5.30 -38.89 -0.22
C GLU B 58 -5.39 -39.52 1.15
N ILE B 59 -5.85 -40.78 1.21
CA ILE B 59 -5.95 -41.45 2.50
C ILE B 59 -4.69 -42.25 2.81
N TRP B 60 -3.97 -41.81 3.85
CA TRP B 60 -2.81 -42.54 4.34
C TRP B 60 -3.24 -43.78 5.12
N SER B 61 -3.68 -44.81 4.40
CA SER B 61 -4.20 -46.01 5.01
C SER B 61 -3.13 -47.06 5.23
N ASN B 62 -1.95 -46.85 4.65
CA ASN B 62 -0.77 -47.66 4.97
C ASN B 62 0.12 -46.89 5.93
N GLY B 63 1.31 -46.48 5.46
CA GLY B 63 2.17 -45.66 6.29
C GLY B 63 1.50 -44.36 6.70
N ASP B 64 2.17 -43.58 7.55
CA ASP B 64 1.82 -42.19 7.77
C ASP B 64 2.98 -41.38 7.18
N LYS B 65 2.70 -40.45 6.29
CA LYS B 65 3.75 -39.84 5.47
C LYS B 65 4.56 -38.75 6.20
N ILE B 66 4.16 -38.44 7.43
CA ILE B 66 4.93 -37.56 8.31
C ILE B 66 4.64 -37.96 9.75
N THR B 67 5.58 -37.72 10.66
CA THR B 67 5.33 -38.09 12.05
C THR B 67 4.51 -36.99 12.71
N VAL B 68 3.20 -37.01 12.51
CA VAL B 68 2.34 -35.99 13.11
C VAL B 68 2.42 -35.98 14.64
N LYS B 69 3.19 -35.03 15.17
CA LYS B 69 3.36 -34.83 16.59
C LYS B 69 2.18 -34.04 17.13
N PRO B 70 1.98 -34.10 18.45
CA PRO B 70 0.92 -33.34 19.13
C PRO B 70 1.30 -31.87 19.27
N ASP B 71 2.46 -31.48 18.76
CA ASP B 71 2.82 -30.08 18.67
C ASP B 71 2.31 -29.56 17.33
N VAL B 72 1.13 -28.96 17.34
CA VAL B 72 0.49 -28.49 16.12
C VAL B 72 1.45 -27.70 15.22
N ASP B 73 2.33 -26.93 15.83
CA ASP B 73 3.26 -26.12 15.05
C ASP B 73 4.27 -27.01 14.32
N TYR B 74 4.66 -28.12 14.93
CA TYR B 74 5.54 -29.05 14.25
C TYR B 74 4.78 -29.72 13.12
N THR B 75 3.74 -30.46 13.48
CA THR B 75 2.86 -31.09 12.51
C THR B 75 2.56 -30.15 11.35
N LEU B 76 2.32 -28.87 11.66
CA LEU B 76 1.97 -27.90 10.62
C LEU B 76 3.13 -27.62 9.67
N ASN B 77 4.31 -27.33 10.21
CA ASN B 77 5.44 -27.05 9.34
C ASN B 77 5.87 -28.32 8.61
N SER B 78 5.81 -29.45 9.31
CA SER B 78 6.08 -30.71 8.64
C SER B 78 5.08 -30.91 7.48
N PHE B 79 3.79 -30.77 7.76
CA PHE B 79 2.79 -31.03 6.74
C PHE B 79 2.84 -30.04 5.58
N ALA B 80 3.34 -28.84 5.86
CA ALA B 80 3.49 -27.83 4.81
C ALA B 80 4.64 -28.22 3.89
N GLU B 81 5.76 -28.62 4.48
CA GLU B 81 6.88 -29.07 3.68
C GLU B 81 6.51 -30.28 2.84
N TRP B 82 5.75 -31.20 3.43
CA TRP B 82 5.25 -32.34 2.64
C TRP B 82 4.42 -31.84 1.44
N ARG B 83 3.45 -30.99 1.71
CA ARG B 83 2.63 -30.41 0.66
C ARG B 83 3.49 -29.99 -0.50
N LYS B 84 4.41 -29.07 -0.26
CA LYS B 84 5.21 -28.48 -1.34
C LYS B 84 6.38 -29.32 -1.91
N THR B 85 7.06 -30.10 -1.08
CA THR B 85 8.22 -30.87 -1.56
C THR B 85 7.83 -32.25 -2.02
N ASP B 86 6.57 -32.62 -1.79
CA ASP B 86 6.06 -33.90 -2.24
C ASP B 86 4.73 -33.75 -2.97
N LEU B 87 3.66 -33.54 -2.21
CA LEU B 87 2.30 -33.56 -2.76
C LEU B 87 2.14 -32.67 -3.99
N LEU B 88 2.72 -31.47 -3.90
CA LEU B 88 2.53 -30.46 -4.90
C LEU B 88 3.35 -30.79 -6.16
N THR B 89 4.29 -31.70 -6.04
CA THR B 89 5.11 -32.05 -7.18
C THR B 89 4.32 -32.87 -8.19
N ARG B 90 3.38 -33.66 -7.68
CA ARG B 90 2.61 -34.60 -8.49
C ARG B 90 1.14 -34.25 -8.55
N LYS B 91 0.76 -33.13 -7.96
CA LYS B 91 -0.63 -32.67 -8.09
C LYS B 91 -0.81 -31.16 -8.02
N LYS B 92 -1.37 -30.60 -9.07
CA LYS B 92 -1.71 -29.20 -9.10
C LYS B 92 -2.85 -28.99 -8.12
N HIS B 93 -2.76 -27.97 -7.26
CA HIS B 93 -3.84 -27.65 -6.31
C HIS B 93 -3.52 -26.44 -5.43
N ASP B 94 -4.56 -25.66 -5.10
CA ASP B 94 -4.39 -24.34 -4.46
C ASP B 94 -4.13 -24.33 -2.96
N ASN B 95 -4.54 -25.39 -2.28
CA ASN B 95 -4.66 -25.35 -0.83
C ASN B 95 -4.90 -26.77 -0.33
N ALA B 96 -4.39 -27.10 0.84
CA ALA B 96 -4.50 -28.47 1.31
C ALA B 96 -4.77 -28.57 2.79
N GLN B 97 -5.46 -29.63 3.19
CA GLN B 97 -5.85 -29.75 4.57
C GLN B 97 -5.65 -31.15 5.09
N LEU B 98 -5.10 -31.23 6.29
CA LEU B 98 -4.85 -32.50 6.93
C LEU B 98 -5.84 -32.76 8.05
N LEU B 99 -6.80 -33.65 7.81
CA LEU B 99 -7.71 -34.08 8.85
C LEU B 99 -7.10 -35.20 9.70
N THR B 100 -6.94 -34.96 11.00
CA THR B 100 -6.23 -35.87 11.88
C THR B 100 -7.17 -36.40 12.93
N ALA B 101 -6.87 -37.57 13.46
CA ALA B 101 -7.64 -38.05 14.59
C ALA B 101 -6.79 -38.08 15.84
N ILE B 102 -5.54 -37.66 15.74
CA ILE B 102 -4.67 -37.61 16.92
C ILE B 102 -4.69 -36.23 17.55
N ASP B 103 -4.88 -36.20 18.87
CA ASP B 103 -5.10 -34.97 19.61
C ASP B 103 -3.87 -34.10 19.65
N PHE B 104 -4.06 -32.81 19.41
CA PHE B 104 -2.96 -31.83 19.51
C PHE B 104 -2.85 -31.17 20.88
N ASN B 105 -1.67 -30.59 21.16
CA ASN B 105 -1.30 -30.10 22.48
C ASN B 105 -2.23 -29.06 23.08
N GLY B 106 -1.73 -27.84 23.24
CA GLY B 106 -2.59 -26.76 23.69
C GLY B 106 -3.89 -26.99 22.98
N PRO B 107 -4.92 -27.45 23.71
CA PRO B 107 -6.13 -28.02 23.13
C PRO B 107 -6.50 -27.35 21.80
N THR B 108 -6.03 -27.93 20.70
CA THR B 108 -6.17 -27.32 19.38
C THR B 108 -6.93 -28.19 18.37
N ILE B 109 -7.99 -27.62 17.78
CA ILE B 109 -8.81 -28.37 16.84
C ILE B 109 -8.45 -28.04 15.39
N GLY B 110 -7.83 -26.88 15.20
CA GLY B 110 -7.44 -26.41 13.89
C GLY B 110 -6.23 -25.52 13.98
N TYR B 111 -5.53 -25.35 12.86
CA TYR B 111 -4.31 -24.56 12.86
C TYR B 111 -3.96 -24.22 11.43
N ALA B 112 -3.81 -22.94 11.14
CA ALA B 112 -3.59 -22.52 9.77
C ALA B 112 -2.69 -21.30 9.66
N TYR B 113 -2.03 -21.20 8.52
CA TYR B 113 -1.26 -20.01 8.28
C TYR B 113 -2.23 -18.88 7.98
N ILE B 114 -1.88 -17.69 8.45
CA ILE B 114 -2.63 -16.48 8.17
C ILE B 114 -2.21 -15.98 6.78
N GLY B 115 -3.19 -15.56 5.98
CA GLY B 115 -2.97 -15.08 4.62
C GLY B 115 -1.96 -15.86 3.79
N SER B 116 -2.14 -17.18 3.68
CA SER B 116 -1.17 -18.06 3.01
C SER B 116 -1.65 -18.61 1.68
N MET B 117 -2.85 -18.21 1.27
CA MET B 117 -3.53 -18.74 0.08
C MET B 117 -2.71 -18.69 -1.21
N CYS B 118 -2.32 -19.87 -1.69
CA CYS B 118 -1.51 -20.06 -2.91
C CYS B 118 -0.01 -20.27 -2.63
N HIS B 119 0.42 -20.02 -1.41
CA HIS B 119 1.84 -20.16 -1.14
C HIS B 119 2.30 -21.59 -1.37
N PRO B 120 3.32 -21.76 -2.21
CA PRO B 120 3.84 -23.10 -2.48
C PRO B 120 3.91 -23.97 -1.22
N LYS B 121 4.48 -23.43 -0.14
CA LYS B 121 4.59 -24.20 1.10
C LYS B 121 3.46 -23.90 2.08
N ARG B 122 3.05 -22.64 2.18
CA ARG B 122 2.14 -22.25 3.26
C ARG B 122 0.63 -22.33 2.97
N SER B 123 0.25 -22.71 1.75
CA SER B 123 -1.16 -22.79 1.41
C SER B 123 -1.81 -24.03 1.98
N VAL B 124 -1.70 -24.24 3.29
CA VAL B 124 -2.31 -25.40 3.90
C VAL B 124 -2.88 -25.10 5.27
N ALA B 125 -3.74 -25.97 5.76
CA ALA B 125 -4.19 -25.92 7.14
C ALA B 125 -4.46 -27.32 7.68
N ILE B 126 -4.63 -27.43 8.99
CA ILE B 126 -4.87 -28.71 9.62
C ILE B 126 -6.16 -28.69 10.45
N VAL B 127 -6.97 -29.72 10.29
CA VAL B 127 -8.27 -29.78 10.95
C VAL B 127 -8.38 -31.07 11.74
N GLU B 128 -9.08 -31.00 12.86
CA GLU B 128 -9.14 -32.14 13.77
C GLU B 128 -10.51 -32.82 13.68
N ASP B 129 -10.49 -34.16 13.73
CA ASP B 129 -11.71 -34.97 13.73
C ASP B 129 -12.47 -34.74 15.04
N TYR B 130 -12.70 -33.49 15.35
CA TYR B 130 -13.43 -33.09 16.54
C TYR B 130 -14.78 -33.78 16.68
N SER B 131 -15.43 -34.12 15.58
CA SER B 131 -16.81 -34.55 15.67
C SER B 131 -17.31 -35.40 14.49
N PRO B 132 -18.17 -36.38 14.79
CA PRO B 132 -18.91 -37.16 13.80
C PRO B 132 -19.84 -36.27 12.98
N ILE B 133 -20.25 -35.16 13.59
CA ILE B 133 -21.15 -34.20 12.93
C ILE B 133 -20.48 -33.50 11.75
N ASN B 134 -20.91 -33.86 10.54
CA ASN B 134 -20.34 -33.23 9.34
C ASN B 134 -20.25 -31.72 9.50
N LEU B 135 -21.38 -31.05 9.75
CA LEU B 135 -21.36 -29.59 9.78
C LEU B 135 -20.35 -29.04 10.78
N VAL B 136 -20.16 -29.71 11.90
CA VAL B 136 -19.13 -29.24 12.84
C VAL B 136 -17.75 -29.28 12.19
N VAL B 137 -17.35 -30.43 11.66
CA VAL B 137 -16.07 -30.54 10.98
C VAL B 137 -15.99 -29.57 9.81
N ALA B 138 -17.06 -29.48 9.03
CA ALA B 138 -17.06 -28.64 7.85
C ALA B 138 -16.60 -27.24 8.23
N VAL B 139 -17.28 -26.69 9.23
CA VAL B 139 -17.03 -25.34 9.73
C VAL B 139 -15.58 -25.06 10.17
N ILE B 140 -14.94 -26.04 10.84
CA ILE B 140 -13.52 -25.94 11.20
C ILE B 140 -12.72 -25.77 9.92
N MET B 141 -13.19 -26.42 8.88
CA MET B 141 -12.50 -26.40 7.62
C MET B 141 -12.70 -25.04 6.99
N ALA B 142 -13.94 -24.58 6.96
CA ALA B 142 -14.22 -23.20 6.55
C ALA B 142 -13.34 -22.24 7.35
N HIS B 143 -13.27 -22.44 8.65
CA HIS B 143 -12.53 -21.56 9.53
C HIS B 143 -11.05 -21.51 9.19
N GLU B 144 -10.38 -22.63 9.33
CA GLU B 144 -8.94 -22.69 9.10
C GLU B 144 -8.58 -22.32 7.67
N MET B 145 -9.58 -22.28 6.80
CA MET B 145 -9.39 -21.76 5.46
C MET B 145 -9.43 -20.22 5.51
N GLY B 146 -10.50 -19.69 6.10
CA GLY B 146 -10.60 -18.25 6.31
C GLY B 146 -9.33 -17.72 6.93
N HIS B 147 -8.74 -18.50 7.82
CA HIS B 147 -7.42 -18.14 8.29
C HIS B 147 -6.48 -18.10 7.11
N ASN B 148 -6.30 -19.22 6.42
CA ASN B 148 -5.50 -19.23 5.20
C ASN B 148 -5.68 -17.99 4.36
N LEU B 149 -6.84 -17.34 4.50
CA LEU B 149 -7.21 -16.22 3.65
C LEU B 149 -7.11 -14.83 4.32
N GLY B 150 -6.31 -14.71 5.37
CA GLY B 150 -6.14 -13.44 6.05
C GLY B 150 -7.37 -12.92 6.79
N ILE B 151 -8.22 -13.85 7.22
CA ILE B 151 -9.44 -13.52 7.96
C ILE B 151 -9.21 -13.74 9.45
N HIS B 152 -9.65 -12.78 10.26
CA HIS B 152 -9.34 -12.84 11.69
C HIS B 152 -10.57 -13.06 12.59
N HIS B 153 -10.30 -13.55 13.79
CA HIS B 153 -11.32 -13.71 14.82
C HIS B 153 -12.24 -12.51 14.88
N ASP B 154 -13.53 -12.76 14.87
CA ASP B 154 -14.50 -11.71 15.04
C ASP B 154 -14.25 -10.93 16.31
N THR B 155 -13.66 -9.75 16.16
CA THR B 155 -13.22 -8.91 17.27
C THR B 155 -14.15 -8.96 18.46
N ASP B 156 -15.03 -7.97 18.58
CA ASP B 156 -15.90 -7.89 19.73
C ASP B 156 -17.35 -7.59 19.36
N PHE B 157 -17.59 -7.13 18.14
CA PHE B 157 -18.96 -6.83 17.72
C PHE B 157 -19.28 -6.99 16.23
N CYS B 158 -18.44 -7.74 15.51
CA CYS B 158 -18.83 -8.18 14.17
C CYS B 158 -19.98 -9.17 14.34
N SER B 159 -20.90 -9.22 13.38
CA SER B 159 -22.15 -9.97 13.55
C SER B 159 -22.60 -10.79 12.33
N CYS B 160 -23.51 -11.74 12.56
CA CYS B 160 -24.19 -12.47 11.49
C CYS B 160 -25.55 -13.06 11.94
N GLY B 161 -26.39 -12.22 12.53
CA GLY B 161 -27.68 -12.64 13.04
C GLY B 161 -27.55 -13.21 14.44
N ASP B 162 -28.52 -14.00 14.86
CA ASP B 162 -28.42 -14.66 16.15
C ASP B 162 -27.82 -16.05 16.01
N TYR B 163 -26.88 -16.17 15.09
CA TYR B 163 -26.12 -17.40 14.88
C TYR B 163 -24.68 -17.22 15.33
N PRO B 164 -24.03 -18.32 15.77
CA PRO B 164 -22.59 -18.33 16.01
C PRO B 164 -21.85 -18.27 14.66
N CYS B 165 -20.86 -17.40 14.56
CA CYS B 165 -20.20 -17.17 13.28
C CYS B 165 -18.91 -17.96 13.09
N ILE B 166 -18.53 -18.13 11.83
CA ILE B 166 -17.44 -19.04 11.46
C ILE B 166 -16.13 -18.67 12.09
N MET B 167 -15.87 -17.37 12.18
CA MET B 167 -14.59 -16.91 12.70
C MET B 167 -14.72 -16.38 14.13
N GLY B 168 -15.60 -16.99 14.91
CA GLY B 168 -15.77 -16.66 16.31
C GLY B 168 -14.58 -17.11 17.14
N PRO B 169 -14.29 -16.36 18.21
CA PRO B 169 -13.19 -16.71 19.12
C PRO B 169 -13.15 -18.22 19.35
N THR B 170 -14.29 -18.77 19.72
CA THR B 170 -14.39 -20.21 19.93
C THR B 170 -15.66 -20.77 19.31
N ILE B 171 -15.63 -22.06 18.99
CA ILE B 171 -16.73 -22.76 18.34
C ILE B 171 -17.85 -23.08 19.32
N SER B 172 -19.07 -23.17 18.80
CA SER B 172 -20.23 -23.51 19.62
C SER B 172 -20.55 -24.99 19.53
N ASN B 173 -21.59 -25.40 20.25
CA ASN B 173 -22.05 -26.77 20.23
C ASN B 173 -22.97 -26.98 19.03
N GLU B 174 -23.45 -25.88 18.47
CA GLU B 174 -24.31 -25.91 17.29
C GLU B 174 -23.95 -24.80 16.31
N PRO B 175 -22.85 -25.00 15.56
CA PRO B 175 -22.35 -24.05 14.56
C PRO B 175 -23.33 -23.73 13.45
N SER B 176 -23.05 -22.66 12.72
CA SER B 176 -23.84 -22.28 11.55
C SER B 176 -22.94 -21.95 10.35
N LYS B 177 -23.56 -21.81 9.19
CA LYS B 177 -22.79 -21.67 7.96
C LYS B 177 -22.43 -20.21 7.60
N PHE B 178 -22.49 -19.30 8.57
CA PHE B 178 -22.39 -17.88 8.24
C PHE B 178 -21.06 -17.23 8.60
N PHE B 179 -20.50 -16.52 7.63
CA PHE B 179 -19.33 -15.67 7.84
C PHE B 179 -19.78 -14.24 8.18
N SER B 180 -19.00 -13.56 9.01
CA SER B 180 -19.40 -12.24 9.48
C SER B 180 -18.96 -11.15 8.51
N ASN B 181 -19.50 -9.94 8.71
CA ASN B 181 -19.20 -8.80 7.85
C ASN B 181 -17.73 -8.42 7.85
N CYS B 182 -17.10 -8.43 9.01
CA CYS B 182 -15.67 -8.19 9.05
C CYS B 182 -15.03 -9.19 8.08
N SER B 183 -15.45 -10.44 8.19
CA SER B 183 -14.84 -11.49 7.40
C SER B 183 -14.92 -11.19 5.93
N TYR B 184 -16.08 -10.77 5.46
CA TYR B 184 -16.21 -10.43 4.04
C TYR B 184 -15.13 -9.42 3.71
N ILE B 185 -15.10 -8.35 4.51
CA ILE B 185 -14.13 -7.28 4.35
C ILE B 185 -12.70 -7.80 4.32
N GLN B 186 -12.23 -8.35 5.43
CA GLN B 186 -10.84 -8.81 5.49
C GLN B 186 -10.50 -9.75 4.36
N CYS B 187 -11.40 -10.69 4.10
CA CYS B 187 -11.20 -11.65 3.05
C CYS B 187 -10.69 -10.91 1.84
N TRP B 188 -11.59 -10.13 1.24
CA TRP B 188 -11.31 -9.47 -0.02
C TRP B 188 -10.23 -8.41 0.05
N ASP B 189 -9.95 -7.91 1.25
CA ASP B 189 -8.85 -6.98 1.41
C ASP B 189 -7.60 -7.74 1.11
N PHE B 190 -7.43 -8.86 1.81
CA PHE B 190 -6.32 -9.76 1.55
C PHE B 190 -6.30 -10.19 0.08
N ILE B 191 -7.47 -10.35 -0.52
CA ILE B 191 -7.57 -10.73 -1.95
C ILE B 191 -7.25 -9.56 -2.88
N MET B 192 -7.84 -8.41 -2.58
CA MET B 192 -7.51 -7.18 -3.28
C MET B 192 -6.04 -6.87 -3.11
N LYS B 193 -5.63 -6.69 -1.85
CA LYS B 193 -4.27 -6.31 -1.52
C LYS B 193 -3.25 -7.30 -2.03
N GLU B 194 -3.24 -8.50 -1.44
CA GLU B 194 -2.25 -9.54 -1.75
C GLU B 194 -2.77 -10.62 -2.72
N ASN B 195 -3.51 -10.19 -3.74
CA ASN B 195 -4.11 -11.13 -4.70
C ASN B 195 -3.31 -12.40 -4.99
N PRO B 196 -3.85 -13.55 -4.57
CA PRO B 196 -3.31 -14.88 -4.87
C PRO B 196 -3.83 -15.38 -6.22
N GLN B 197 -2.96 -15.49 -7.20
CA GLN B 197 -3.40 -15.81 -8.55
C GLN B 197 -3.98 -17.21 -8.68
N CYS B 198 -3.59 -18.11 -7.77
CA CYS B 198 -3.91 -19.54 -7.93
C CYS B 198 -5.36 -19.90 -7.70
N ILE B 199 -6.20 -18.88 -7.44
CA ILE B 199 -7.61 -19.12 -7.17
C ILE B 199 -8.52 -18.37 -8.14
N LEU B 200 -7.98 -18.03 -9.32
CA LEU B 200 -8.72 -17.28 -10.31
C LEU B 200 -9.32 -18.20 -11.35
N ASN B 201 -8.53 -19.15 -11.81
CA ASN B 201 -9.03 -20.10 -12.79
C ASN B 201 -10.25 -20.80 -12.24
N GLU B 202 -11.11 -21.23 -13.14
CA GLU B 202 -12.26 -22.01 -12.75
C GLU B 202 -11.94 -23.47 -12.98
N PRO B 203 -12.12 -24.29 -11.92
CA PRO B 203 -11.94 -25.73 -12.02
C PRO B 203 -12.73 -26.33 -13.19
N LEU B 204 -12.05 -27.11 -14.02
CA LEU B 204 -12.73 -27.93 -14.99
C LEU B 204 -13.59 -28.99 -14.29
N GLY B 205 -14.70 -29.36 -14.92
CA GLY B 205 -15.60 -30.36 -14.35
C GLY B 205 -14.88 -31.66 -14.08
N THR B 206 -13.87 -31.91 -14.90
CA THR B 206 -13.07 -33.11 -14.78
C THR B 206 -11.91 -32.91 -13.80
N ASP B 207 -11.69 -31.68 -13.39
CA ASP B 207 -10.65 -31.42 -12.39
C ASP B 207 -11.15 -31.78 -11.00
N ILE B 208 -12.45 -32.05 -10.88
CA ILE B 208 -13.08 -32.32 -9.58
C ILE B 208 -13.29 -33.82 -9.32
N VAL B 209 -12.93 -34.30 -8.13
CA VAL B 209 -12.95 -35.74 -7.84
C VAL B 209 -14.18 -36.23 -7.05
N SER B 210 -14.99 -35.29 -6.59
CA SER B 210 -16.17 -35.62 -5.80
C SER B 210 -17.44 -35.64 -6.64
N PRO B 211 -18.34 -36.61 -6.35
CA PRO B 211 -19.51 -36.91 -7.16
C PRO B 211 -20.24 -35.65 -7.54
N PRO B 212 -20.45 -35.44 -8.85
CA PRO B 212 -21.08 -34.19 -9.27
C PRO B 212 -22.36 -33.91 -8.50
N VAL B 213 -22.66 -32.62 -8.35
CA VAL B 213 -23.79 -32.15 -7.57
C VAL B 213 -24.56 -31.10 -8.39
N CYS B 214 -25.88 -31.15 -8.35
CA CYS B 214 -26.67 -30.15 -9.07
C CYS B 214 -27.12 -29.04 -8.15
N GLY B 215 -26.70 -27.82 -8.45
CA GLY B 215 -27.03 -26.69 -7.60
C GLY B 215 -25.97 -26.59 -6.52
N ASN B 216 -24.72 -26.56 -6.93
CA ASN B 216 -23.62 -26.30 -6.01
C ASN B 216 -22.76 -25.14 -6.51
N GLU B 217 -23.15 -24.61 -7.67
CA GLU B 217 -22.48 -23.49 -8.32
C GLU B 217 -21.10 -23.80 -8.92
N LEU B 218 -20.88 -25.09 -9.17
CA LEU B 218 -19.65 -25.59 -9.77
C LEU B 218 -19.97 -26.46 -10.99
N LEU B 219 -19.64 -25.98 -12.18
CA LEU B 219 -19.88 -26.78 -13.37
C LEU B 219 -19.15 -28.12 -13.25
N GLU B 220 -19.83 -29.22 -13.56
CA GLU B 220 -19.25 -30.55 -13.43
C GLU B 220 -19.64 -31.51 -14.55
N VAL B 221 -19.32 -32.78 -14.35
CA VAL B 221 -19.57 -33.79 -15.36
C VAL B 221 -21.01 -34.31 -15.29
N GLY B 222 -21.70 -34.28 -16.44
CA GLY B 222 -23.10 -34.65 -16.49
C GLY B 222 -23.99 -33.43 -16.44
N GLU B 223 -23.38 -32.28 -16.18
CA GLU B 223 -24.10 -31.02 -16.14
C GLU B 223 -23.91 -30.26 -17.44
N GLU B 224 -25.00 -29.65 -17.91
CA GLU B 224 -24.93 -28.69 -18.99
C GLU B 224 -24.52 -27.36 -18.41
N CYS B 225 -25.29 -26.92 -17.42
CA CYS B 225 -24.91 -25.76 -16.63
C CYS B 225 -25.26 -25.96 -15.16
N ASP B 226 -24.80 -25.05 -14.31
CA ASP B 226 -25.17 -25.08 -12.91
C ASP B 226 -25.10 -23.65 -12.45
N CYS B 227 -26.14 -23.21 -11.75
CA CYS B 227 -26.15 -21.87 -11.17
C CYS B 227 -26.81 -21.88 -9.79
N GLY B 228 -26.35 -22.79 -8.93
CA GLY B 228 -26.85 -22.88 -7.57
C GLY B 228 -28.33 -23.20 -7.51
N THR B 229 -28.88 -23.11 -6.31
CA THR B 229 -30.30 -23.33 -6.10
C THR B 229 -31.16 -22.58 -7.12
N PRO B 230 -32.35 -23.11 -7.42
CA PRO B 230 -33.25 -22.39 -8.33
C PRO B 230 -33.57 -21.01 -7.76
N GLU B 231 -33.39 -20.86 -6.44
CA GLU B 231 -33.64 -19.61 -5.73
C GLU B 231 -32.57 -18.56 -6.00
N ASN B 232 -31.36 -19.02 -6.31
CA ASN B 232 -30.22 -18.12 -6.53
C ASN B 232 -29.77 -18.08 -7.98
N CYS B 233 -30.31 -18.97 -8.80
CA CYS B 233 -29.90 -19.04 -10.20
C CYS B 233 -30.48 -17.88 -11.01
N GLN B 234 -29.62 -16.98 -11.45
CA GLN B 234 -30.09 -15.74 -12.03
C GLN B 234 -29.98 -15.64 -13.56
N ASN B 235 -29.18 -16.50 -14.17
CA ASN B 235 -29.13 -16.54 -15.63
C ASN B 235 -30.30 -17.34 -16.19
N GLU B 236 -31.18 -16.65 -16.92
CA GLU B 236 -32.39 -17.25 -17.46
C GLU B 236 -32.08 -18.15 -18.65
N CYS B 237 -31.12 -19.04 -18.49
CA CYS B 237 -30.69 -19.90 -19.58
C CYS B 237 -30.72 -21.37 -19.21
N CYS B 238 -30.74 -21.66 -17.92
CA CYS B 238 -30.71 -23.04 -17.48
C CYS B 238 -31.63 -23.32 -16.30
N ASP B 239 -32.39 -24.40 -16.42
CA ASP B 239 -33.19 -24.91 -15.31
C ASP B 239 -32.24 -25.37 -14.22
N ALA B 240 -32.21 -24.64 -13.11
CA ALA B 240 -31.24 -24.90 -12.06
C ALA B 240 -31.55 -26.13 -11.22
N ALA B 241 -32.25 -27.11 -11.79
CA ALA B 241 -32.49 -28.37 -11.10
C ALA B 241 -32.26 -29.55 -12.03
N THR B 242 -32.46 -29.33 -13.33
CA THR B 242 -32.18 -30.34 -14.33
C THR B 242 -30.73 -30.20 -14.79
N CYS B 243 -30.23 -28.98 -14.73
CA CYS B 243 -28.89 -28.66 -15.20
C CYS B 243 -28.66 -29.05 -16.66
N LYS B 244 -29.67 -28.89 -17.52
CA LYS B 244 -29.50 -29.21 -18.94
C LYS B 244 -30.16 -28.18 -19.84
N LEU B 245 -30.20 -26.93 -19.38
CA LEU B 245 -30.77 -25.82 -20.15
C LEU B 245 -32.27 -26.00 -20.49
N LYS B 246 -33.06 -24.94 -20.25
CA LYS B 246 -34.50 -25.00 -20.50
C LYS B 246 -34.85 -24.95 -21.98
N SER B 247 -36.09 -24.55 -22.25
CA SER B 247 -36.59 -24.46 -23.62
C SER B 247 -35.59 -23.79 -24.55
N GLY B 248 -35.16 -24.52 -25.58
CA GLY B 248 -34.30 -23.99 -26.61
C GLY B 248 -33.22 -23.04 -26.11
N SER B 249 -32.45 -23.48 -25.12
CA SER B 249 -31.25 -22.78 -24.71
C SER B 249 -30.08 -23.43 -25.42
N GLN B 250 -29.05 -22.66 -25.76
CA GLN B 250 -27.90 -23.21 -26.47
C GLN B 250 -26.76 -23.64 -25.56
N CYS B 251 -26.26 -22.68 -24.78
CA CYS B 251 -25.19 -22.92 -23.83
C CYS B 251 -25.58 -22.30 -22.51
N GLY B 252 -24.62 -22.06 -21.62
CA GLY B 252 -24.94 -21.48 -20.32
C GLY B 252 -23.78 -21.24 -19.38
N HIS B 253 -22.56 -21.50 -19.83
CA HIS B 253 -21.37 -21.26 -19.02
C HIS B 253 -20.19 -20.86 -19.92
N GLY B 254 -19.08 -20.48 -19.31
CA GLY B 254 -17.89 -20.13 -20.08
C GLY B 254 -18.10 -18.78 -20.71
N ASP B 255 -17.01 -18.11 -21.05
CA ASP B 255 -17.10 -16.74 -21.53
C ASP B 255 -17.96 -16.63 -22.80
N CYS B 256 -17.76 -17.54 -23.75
CA CYS B 256 -18.44 -17.44 -25.05
C CYS B 256 -19.91 -17.86 -25.07
N CYS B 257 -20.74 -17.19 -24.28
CA CYS B 257 -22.16 -17.48 -24.26
C CYS B 257 -22.98 -16.22 -23.93
N GLU B 258 -23.43 -15.54 -24.97
CA GLU B 258 -24.27 -14.35 -24.78
C GLU B 258 -25.70 -14.76 -24.45
N GLN B 259 -26.05 -14.62 -23.18
CA GLN B 259 -27.37 -14.99 -22.65
C GLN B 259 -28.02 -16.14 -23.42
N CYS B 260 -27.65 -17.36 -23.06
CA CYS B 260 -28.26 -18.58 -23.57
C CYS B 260 -27.87 -18.96 -24.99
N LYS B 261 -26.90 -18.25 -25.57
CA LYS B 261 -26.40 -18.61 -26.90
C LYS B 261 -24.93 -18.28 -27.17
N PHE B 262 -24.46 -18.72 -28.32
CA PHE B 262 -23.04 -18.69 -28.70
C PHE B 262 -22.44 -17.31 -28.94
N SER B 263 -21.12 -17.30 -29.12
CA SER B 263 -20.38 -16.10 -29.47
C SER B 263 -20.21 -16.05 -30.98
N LYS B 264 -19.08 -15.54 -31.45
CA LYS B 264 -18.76 -15.58 -32.88
C LYS B 264 -17.26 -15.42 -33.14
N SER B 265 -16.89 -15.50 -34.41
CA SER B 265 -15.48 -15.53 -34.80
C SER B 265 -14.77 -14.21 -34.51
N GLY B 266 -13.45 -14.30 -34.35
CA GLY B 266 -12.63 -13.13 -34.14
C GLY B 266 -12.87 -12.51 -32.77
N THR B 267 -14.05 -12.76 -32.22
CA THR B 267 -14.42 -12.27 -30.91
C THR B 267 -13.31 -12.59 -29.91
N GLU B 268 -12.46 -11.60 -29.63
CA GLU B 268 -11.40 -11.76 -28.65
C GLU B 268 -11.98 -12.39 -27.37
N CYS B 269 -11.30 -13.40 -26.84
CA CYS B 269 -11.84 -14.09 -25.68
C CYS B 269 -10.94 -14.05 -24.42
N ARG B 270 -9.63 -14.03 -24.61
CA ARG B 270 -8.71 -13.95 -23.47
C ARG B 270 -7.82 -12.72 -23.46
N ALA B 271 -7.52 -12.25 -22.25
CA ALA B 271 -6.59 -11.15 -22.06
C ALA B 271 -5.33 -11.37 -22.88
N SER B 272 -4.57 -10.29 -23.08
CA SER B 272 -3.32 -10.38 -23.81
C SER B 272 -2.24 -9.58 -23.08
N MET B 273 -1.67 -10.19 -22.03
CA MET B 273 -0.66 -9.53 -21.21
C MET B 273 0.35 -8.75 -22.03
N SER B 274 0.70 -9.28 -23.19
CA SER B 274 1.72 -8.70 -24.04
C SER B 274 1.52 -9.05 -25.52
N GLU B 275 2.60 -8.95 -26.29
CA GLU B 275 2.64 -9.43 -27.66
C GLU B 275 3.00 -10.92 -27.63
N CYS B 276 3.46 -11.36 -26.47
CA CYS B 276 3.80 -12.75 -26.24
C CYS B 276 2.56 -13.60 -25.92
N ASP B 277 1.39 -12.98 -25.97
CA ASP B 277 0.13 -13.70 -25.76
C ASP B 277 -0.83 -13.48 -26.94
N PRO B 278 -0.89 -14.45 -27.88
CA PRO B 278 -1.75 -14.37 -29.06
C PRO B 278 -3.24 -14.38 -28.73
N ALA B 279 -3.71 -13.31 -28.11
CA ALA B 279 -5.11 -13.11 -27.74
C ALA B 279 -5.98 -14.37 -27.64
N GLU B 280 -6.25 -14.99 -28.78
CA GLU B 280 -7.24 -16.05 -28.90
C GLU B 280 -8.64 -15.47 -28.92
N HIS B 281 -9.40 -15.80 -29.96
CA HIS B 281 -10.78 -15.37 -30.05
C HIS B 281 -11.64 -16.62 -30.17
N CYS B 282 -12.94 -16.44 -30.34
CA CYS B 282 -13.82 -17.59 -30.51
C CYS B 282 -14.09 -17.82 -31.98
N THR B 283 -15.22 -18.45 -32.28
CA THR B 283 -15.52 -18.85 -33.66
C THR B 283 -17.00 -18.98 -33.93
N GLY B 284 -17.81 -18.85 -32.88
CA GLY B 284 -19.16 -19.37 -32.92
C GLY B 284 -18.89 -20.86 -32.95
N GLN B 285 -19.92 -21.67 -32.81
CA GLN B 285 -19.72 -23.12 -32.76
C GLN B 285 -18.84 -23.46 -31.55
N SER B 286 -18.19 -22.44 -31.00
CA SER B 286 -17.38 -22.57 -29.81
C SER B 286 -18.15 -22.03 -28.60
N SER B 287 -18.63 -22.93 -27.76
CA SER B 287 -19.44 -22.56 -26.60
C SER B 287 -18.59 -21.91 -25.52
N GLU B 288 -17.28 -22.04 -25.67
CA GLU B 288 -16.31 -21.51 -24.72
C GLU B 288 -15.15 -20.85 -25.45
N CYS B 289 -14.04 -20.67 -24.75
CA CYS B 289 -12.85 -20.03 -25.32
C CYS B 289 -11.77 -21.07 -25.55
N PRO B 290 -10.89 -20.83 -26.54
CA PRO B 290 -9.74 -21.70 -26.78
C PRO B 290 -8.82 -21.83 -25.56
N ALA B 291 -7.79 -22.66 -25.69
CA ALA B 291 -6.75 -22.77 -24.68
C ALA B 291 -5.77 -21.62 -24.88
N ASP B 292 -5.17 -21.16 -23.78
CA ASP B 292 -4.32 -19.97 -23.85
C ASP B 292 -2.98 -20.21 -24.54
N VAL B 293 -2.96 -20.02 -25.87
CA VAL B 293 -1.73 -20.06 -26.64
C VAL B 293 -0.80 -18.92 -26.21
N PHE B 294 0.50 -19.18 -26.14
CA PHE B 294 1.49 -18.13 -25.87
C PHE B 294 2.42 -17.96 -27.06
N HIS B 295 3.70 -17.86 -26.78
CA HIS B 295 4.69 -17.75 -27.84
C HIS B 295 5.89 -18.57 -27.42
N LYS B 296 6.40 -19.37 -28.34
CA LYS B 296 7.56 -20.18 -28.05
C LYS B 296 8.59 -19.34 -27.32
N ASN B 297 8.70 -19.55 -26.00
CA ASN B 297 9.64 -18.81 -25.17
C ASN B 297 10.96 -18.54 -25.89
N GLY B 298 11.42 -17.30 -25.82
CA GLY B 298 12.67 -16.94 -26.45
C GLY B 298 12.47 -16.14 -27.72
N GLN B 299 11.23 -16.05 -28.17
CA GLN B 299 10.87 -15.23 -29.31
C GLN B 299 11.06 -13.75 -28.97
N PRO B 300 12.04 -13.09 -29.62
CA PRO B 300 12.39 -11.70 -29.33
C PRO B 300 11.16 -10.80 -29.21
N CYS B 301 11.14 -9.91 -28.23
CA CYS B 301 10.00 -9.02 -28.02
C CYS B 301 10.39 -7.63 -27.51
N LEU B 302 9.53 -6.65 -27.81
CA LEU B 302 9.75 -5.26 -27.43
C LEU B 302 11.11 -4.73 -27.91
N ASP B 303 11.13 -4.16 -29.12
CA ASP B 303 12.33 -3.53 -29.68
C ASP B 303 13.61 -4.34 -29.47
N ASN B 304 13.46 -5.67 -29.34
CA ASN B 304 14.58 -6.54 -29.00
C ASN B 304 15.24 -6.12 -27.69
N TYR B 305 14.43 -6.03 -26.64
CA TYR B 305 14.94 -5.78 -25.30
C TYR B 305 14.66 -7.01 -24.43
N GLY B 306 13.72 -7.85 -24.84
CA GLY B 306 13.34 -9.03 -24.08
C GLY B 306 12.95 -10.28 -24.87
N TYR B 307 12.84 -11.41 -24.16
CA TYR B 307 12.44 -12.70 -24.73
C TYR B 307 11.31 -13.28 -23.87
N CYS B 308 10.32 -13.87 -24.52
CA CYS B 308 9.07 -14.23 -23.83
C CYS B 308 9.24 -15.19 -22.63
N TYR B 309 8.15 -15.36 -21.89
CA TYR B 309 8.09 -16.32 -20.78
C TYR B 309 6.66 -16.46 -20.25
N ASN B 310 6.18 -17.70 -20.18
CA ASN B 310 4.84 -18.00 -19.67
C ASN B 310 3.74 -16.99 -20.07
N GLY B 311 4.00 -16.18 -21.08
CA GLY B 311 3.00 -15.26 -21.60
C GLY B 311 3.41 -13.80 -21.61
N ASN B 312 4.31 -13.43 -20.70
CA ASN B 312 4.73 -12.04 -20.56
C ASN B 312 6.06 -11.77 -21.24
N CYS B 313 6.58 -10.56 -21.08
CA CYS B 313 7.89 -10.21 -21.63
C CYS B 313 8.68 -9.34 -20.63
N PRO B 314 9.45 -9.98 -19.72
CA PRO B 314 10.13 -9.27 -18.63
C PRO B 314 11.41 -8.60 -19.09
N ILE B 315 11.50 -7.29 -18.89
CA ILE B 315 12.78 -6.57 -19.10
C ILE B 315 13.19 -5.81 -17.82
N MET B 316 14.48 -5.83 -17.51
CA MET B 316 15.07 -5.02 -16.45
C MET B 316 14.36 -3.67 -16.26
N TYR B 317 14.38 -2.83 -17.27
CA TYR B 317 13.78 -1.52 -17.11
C TYR B 317 12.36 -1.58 -16.53
N HIS B 318 11.43 -2.24 -17.24
CA HIS B 318 10.03 -2.31 -16.81
C HIS B 318 9.94 -2.78 -15.36
N GLN B 319 10.97 -3.48 -14.90
CA GLN B 319 10.98 -4.01 -13.56
C GLN B 319 11.48 -3.00 -12.51
N CYS B 320 12.28 -2.04 -12.94
CA CYS B 320 12.66 -0.92 -12.07
C CYS B 320 11.47 0.02 -11.86
N TYR B 321 10.72 0.26 -12.92
CA TYR B 321 9.60 1.19 -12.85
C TYR B 321 8.54 0.68 -11.91
N ALA B 322 8.39 -0.63 -11.85
CA ALA B 322 7.35 -1.21 -11.00
C ALA B 322 7.65 -1.01 -9.53
N LEU B 323 8.93 -1.10 -9.18
CA LEU B 323 9.35 -0.98 -7.79
C LEU B 323 9.54 0.46 -7.34
N PHE B 324 9.94 1.34 -8.25
CA PHE B 324 10.40 2.65 -7.81
C PHE B 324 9.72 3.87 -8.43
N GLY B 325 8.86 3.64 -9.43
CA GLY B 325 8.14 4.70 -10.08
C GLY B 325 8.87 5.21 -11.29
N ALA B 326 8.50 6.43 -11.70
CA ALA B 326 9.05 7.04 -12.90
C ALA B 326 10.44 7.59 -12.65
N ASP B 327 11.19 7.73 -13.73
CA ASP B 327 12.51 8.35 -13.67
C ASP B 327 13.53 7.46 -13.01
N VAL B 328 13.26 6.16 -12.97
CA VAL B 328 14.22 5.21 -12.43
C VAL B 328 14.46 4.11 -13.46
N TYR B 329 15.67 4.10 -14.02
CA TYR B 329 15.97 3.27 -15.20
C TYR B 329 16.97 2.15 -14.89
N GLU B 330 17.34 1.36 -15.89
CA GLU B 330 18.24 0.25 -15.60
C GLU B 330 19.63 0.73 -15.22
N ALA B 331 20.14 0.20 -14.10
CA ALA B 331 21.47 0.51 -13.60
C ALA B 331 22.57 -0.12 -14.44
N GLU B 332 23.79 0.43 -14.35
CA GLU B 332 24.91 -0.12 -15.09
C GLU B 332 25.28 -1.45 -14.48
N ASP B 333 25.86 -2.34 -15.30
CA ASP B 333 26.20 -3.70 -14.89
C ASP B 333 26.97 -3.77 -13.58
N SER B 334 27.69 -2.69 -13.27
CA SER B 334 28.59 -2.65 -12.10
C SER B 334 27.89 -2.80 -10.75
N CYS B 335 26.71 -2.20 -10.60
CA CYS B 335 25.89 -2.37 -9.38
C CYS B 335 25.58 -3.85 -9.12
N PHE B 336 24.99 -4.49 -10.12
CA PHE B 336 24.61 -5.91 -10.10
C PHE B 336 25.68 -6.78 -9.45
N LYS B 337 26.89 -6.24 -9.29
CA LYS B 337 28.01 -6.97 -8.70
C LYS B 337 27.93 -7.12 -7.18
N ASP B 338 26.97 -6.48 -6.55
CA ASP B 338 26.81 -6.63 -5.11
C ASP B 338 25.95 -7.85 -4.83
N ASN B 339 25.76 -8.66 -5.87
CA ASN B 339 24.96 -9.88 -5.80
C ASN B 339 25.81 -11.14 -5.54
N GLN B 340 27.12 -10.95 -5.49
CA GLN B 340 28.02 -12.01 -5.04
C GLN B 340 28.48 -11.74 -3.62
N LYS B 341 27.96 -10.65 -3.04
CA LYS B 341 28.29 -10.26 -1.68
C LYS B 341 27.73 -11.26 -0.68
N GLY B 342 26.67 -11.95 -1.08
CA GLY B 342 26.09 -13.03 -0.29
C GLY B 342 25.22 -12.55 0.87
N ASN B 343 25.15 -11.24 1.06
CA ASN B 343 24.47 -10.66 2.19
C ASN B 343 22.96 -10.61 2.05
N TYR B 344 22.29 -10.07 3.07
CA TYR B 344 20.83 -10.00 3.14
C TYR B 344 20.16 -9.60 1.81
N TYR B 345 20.76 -8.64 1.12
CA TYR B 345 20.17 -8.22 -0.14
C TYR B 345 20.85 -8.85 -1.37
N GLY B 346 22.12 -9.22 -1.24
CA GLY B 346 22.89 -9.60 -2.40
C GLY B 346 23.18 -11.07 -2.62
N TYR B 347 22.19 -11.81 -3.11
CA TYR B 347 22.39 -13.19 -3.55
C TYR B 347 21.76 -13.43 -4.92
N CYS B 348 21.80 -14.67 -5.37
CA CYS B 348 21.36 -15.01 -6.71
C CYS B 348 20.16 -15.97 -6.69
N ARG B 349 19.96 -16.59 -5.53
CA ARG B 349 18.91 -17.59 -5.35
C ARG B 349 18.85 -18.06 -3.89
N LYS B 350 18.48 -19.31 -3.70
CA LYS B 350 18.43 -19.93 -2.38
C LYS B 350 18.54 -21.43 -2.57
N GLU B 351 19.29 -22.08 -1.70
CA GLU B 351 19.36 -23.53 -1.74
C GLU B 351 18.51 -24.15 -0.65
N ASN B 352 18.81 -23.84 0.60
CA ASN B 352 17.98 -24.31 1.70
C ASN B 352 17.89 -23.30 2.84
N GLY B 353 17.28 -22.16 2.55
CA GLY B 353 17.21 -21.10 3.55
C GLY B 353 18.47 -20.28 3.43
N LYS B 354 19.13 -20.81 2.82
CA LYS B 354 20.46 -20.24 2.77
C LYS B 354 20.70 -19.50 1.45
N LYS B 355 21.38 -18.38 1.44
CA LYS B 355 21.58 -17.69 0.18
C LYS B 355 22.88 -17.89 -0.59
N ILE B 356 22.78 -18.16 -1.89
CA ILE B 356 23.94 -18.35 -2.75
C ILE B 356 24.33 -17.02 -3.40
N PRO B 357 25.57 -16.57 -3.19
CA PRO B 357 26.02 -15.43 -3.98
C PRO B 357 26.02 -15.78 -5.47
N CYS B 358 25.84 -14.78 -6.32
CA CYS B 358 25.90 -15.00 -7.75
C CYS B 358 27.32 -15.27 -8.19
N ALA B 359 27.46 -16.11 -9.20
CA ALA B 359 28.72 -16.18 -9.92
C ALA B 359 28.79 -14.90 -10.72
N PRO B 360 30.00 -14.42 -10.99
CA PRO B 360 30.17 -13.27 -11.87
C PRO B 360 29.27 -13.37 -13.11
N GLU B 361 28.96 -14.60 -13.52
CA GLU B 361 28.18 -14.81 -14.74
C GLU B 361 26.68 -14.55 -14.54
N ASP B 362 26.16 -14.90 -13.37
CA ASP B 362 24.72 -14.88 -13.13
C ASP B 362 24.25 -13.60 -12.45
N VAL B 363 25.08 -12.57 -12.53
CA VAL B 363 24.98 -11.40 -11.66
C VAL B 363 23.72 -10.55 -11.89
N LYS B 364 23.40 -10.28 -13.15
CA LYS B 364 22.18 -9.56 -13.48
C LYS B 364 20.93 -10.46 -13.35
N CYS B 365 21.03 -11.45 -12.46
CA CYS B 365 20.00 -12.48 -12.30
C CYS B 365 19.57 -12.73 -10.86
N GLY B 366 20.19 -12.01 -9.91
CA GLY B 366 19.74 -12.00 -8.53
C GLY B 366 18.92 -10.75 -8.19
N ARG B 367 19.35 -10.03 -7.17
CA ARG B 367 18.64 -8.82 -6.77
C ARG B 367 18.65 -7.84 -7.93
N LEU B 368 17.58 -7.05 -8.05
CA LEU B 368 17.49 -6.03 -9.10
C LEU B 368 18.16 -4.73 -8.64
N TYR B 369 18.73 -4.01 -9.60
CA TYR B 369 19.36 -2.72 -9.32
C TYR B 369 18.93 -1.67 -10.34
N CYS B 370 18.51 -0.51 -9.84
CA CYS B 370 17.99 0.54 -10.72
C CYS B 370 18.62 1.90 -10.41
N LYS B 371 18.86 2.65 -11.48
CA LYS B 371 19.48 3.97 -11.43
C LYS B 371 18.47 5.01 -10.97
N ASP B 372 18.70 5.58 -9.78
CA ASP B 372 17.77 6.57 -9.21
C ASP B 372 18.45 7.91 -8.89
N ASN B 373 18.18 8.92 -9.70
CA ASN B 373 18.82 10.22 -9.54
C ASN B 373 18.06 11.28 -8.78
N SER B 374 17.08 10.87 -7.99
CA SER B 374 16.28 11.83 -7.25
C SER B 374 17.18 12.93 -6.71
N PRO B 375 16.84 14.18 -7.02
CA PRO B 375 17.65 15.29 -6.52
C PRO B 375 17.74 15.25 -5.01
N GLY B 376 18.95 15.45 -4.50
CA GLY B 376 19.21 15.41 -3.07
C GLY B 376 19.34 14.00 -2.52
N GLN B 377 18.91 13.00 -3.28
CA GLN B 377 18.88 11.63 -2.78
C GLN B 377 19.44 10.67 -3.80
N ASN B 378 20.50 11.09 -4.48
CA ASN B 378 21.07 10.37 -5.61
C ASN B 378 21.58 8.99 -5.26
N ASN B 379 21.04 7.97 -5.92
CA ASN B 379 21.49 6.61 -5.74
C ASN B 379 21.55 5.87 -7.06
N PRO B 380 22.77 5.58 -7.54
CA PRO B 380 23.01 4.92 -8.83
C PRO B 380 22.56 3.45 -8.86
N CYS B 381 22.69 2.76 -7.73
CA CYS B 381 22.39 1.34 -7.62
C CYS B 381 21.44 1.07 -6.46
N LYS B 382 20.23 1.58 -6.59
CA LYS B 382 19.21 1.41 -5.58
C LYS B 382 18.52 0.09 -5.83
N MET B 383 18.22 -0.64 -4.76
CA MET B 383 17.50 -1.91 -4.92
C MET B 383 16.38 -2.00 -3.89
N PHE B 384 15.50 -2.97 -4.05
CA PHE B 384 14.41 -3.12 -3.11
C PHE B 384 14.59 -4.32 -2.19
N TYR B 385 14.44 -4.10 -0.89
CA TYR B 385 14.49 -5.18 0.10
C TYR B 385 13.55 -4.98 1.28
N SER B 386 12.63 -5.91 1.50
CA SER B 386 11.81 -5.92 2.72
C SER B 386 11.75 -7.31 3.34
N ASN B 387 11.77 -7.37 4.66
CA ASN B 387 11.76 -8.68 5.34
C ASN B 387 10.35 -9.28 5.31
N ASP B 388 9.42 -8.51 4.77
CA ASP B 388 8.08 -8.98 4.46
C ASP B 388 8.15 -10.02 3.32
N ASP B 389 9.15 -9.88 2.46
CA ASP B 389 9.33 -10.80 1.34
C ASP B 389 10.67 -10.57 0.66
N GLU B 390 11.70 -11.24 1.16
CA GLU B 390 13.03 -11.17 0.57
C GLU B 390 12.99 -11.31 -0.94
N HIS B 391 11.95 -11.97 -1.46
CA HIS B 391 11.87 -12.22 -2.89
C HIS B 391 11.44 -10.99 -3.70
N LYS B 392 10.87 -9.99 -3.02
CA LYS B 392 10.45 -8.76 -3.68
C LYS B 392 11.66 -7.91 -4.08
N GLY B 393 11.96 -7.89 -5.38
CA GLY B 393 13.12 -7.18 -5.84
C GLY B 393 14.10 -8.06 -6.58
N MET B 394 14.01 -9.36 -6.39
CA MET B 394 14.78 -10.30 -7.18
C MET B 394 14.40 -10.10 -8.64
N VAL B 395 15.37 -10.27 -9.54
CA VAL B 395 15.07 -10.21 -10.97
C VAL B 395 14.09 -11.31 -11.38
N LEU B 396 13.12 -10.95 -12.22
CA LEU B 396 11.99 -11.83 -12.49
C LEU B 396 12.32 -13.07 -13.34
N PRO B 397 11.90 -14.25 -12.86
CA PRO B 397 12.25 -15.52 -13.49
C PRO B 397 11.94 -15.56 -14.97
N GLY B 398 12.90 -15.16 -15.80
CA GLY B 398 12.78 -15.24 -17.26
C GLY B 398 13.29 -14.02 -18.00
N THR B 399 14.09 -13.20 -17.33
CA THR B 399 14.43 -11.85 -17.80
C THR B 399 15.77 -11.73 -18.54
N LYS B 400 15.73 -11.03 -19.68
CA LYS B 400 16.90 -10.87 -20.55
C LYS B 400 18.09 -10.21 -19.86
N CYS B 401 19.19 -10.94 -19.76
CA CYS B 401 20.37 -10.43 -19.08
C CYS B 401 21.56 -10.34 -20.03
N ALA B 402 21.31 -10.58 -21.31
CA ALA B 402 22.38 -10.56 -22.31
C ALA B 402 21.82 -10.92 -23.68
N ASP B 403 22.62 -10.70 -24.73
CA ASP B 403 22.21 -11.07 -26.07
C ASP B 403 22.16 -12.58 -26.16
N GLY B 404 20.95 -13.14 -26.12
CA GLY B 404 20.78 -14.58 -26.25
C GLY B 404 20.62 -15.30 -24.93
N LYS B 405 21.25 -14.75 -23.89
CA LYS B 405 21.17 -15.32 -22.55
C LYS B 405 19.96 -14.75 -21.80
N VAL B 406 19.56 -15.40 -20.72
CA VAL B 406 18.36 -15.04 -19.95
C VAL B 406 18.40 -15.67 -18.54
N CYS B 407 17.50 -15.25 -17.65
CA CYS B 407 17.52 -15.72 -16.27
C CYS B 407 16.55 -16.87 -16.04
N SER B 408 17.02 -17.91 -15.35
CA SER B 408 16.18 -19.04 -14.97
C SER B 408 16.74 -19.70 -13.72
N ASN B 409 15.99 -19.59 -12.63
CA ASN B 409 16.41 -20.19 -11.37
C ASN B 409 17.77 -19.66 -10.95
N GLY B 410 18.02 -18.38 -11.26
CA GLY B 410 19.19 -17.68 -10.75
C GLY B 410 20.45 -17.66 -11.61
N HIS B 411 20.33 -17.96 -12.89
CA HIS B 411 21.50 -17.95 -13.78
C HIS B 411 21.23 -17.21 -15.10
N CYS B 412 22.26 -16.66 -15.71
CA CYS B 412 22.13 -16.11 -17.06
C CYS B 412 22.56 -17.17 -18.08
N VAL B 413 21.58 -17.80 -18.74
CA VAL B 413 21.83 -18.99 -19.55
C VAL B 413 20.98 -19.07 -20.83
#